data_6M0F
#
_entry.id   6M0F
#
_cell.length_a   97.978
_cell.length_b   133.472
_cell.length_c   162.088
_cell.angle_alpha   90.000
_cell.angle_beta   90.000
_cell.angle_gamma   90.000
#
_symmetry.space_group_name_H-M   'P 21 21 21'
#
loop_
_entity.id
_entity.type
_entity.pdbx_description
1 polymer 'Sodium-dependent dopamine transporter'
2 polymer 'Antibody fragment (9D5) Light chain'
3 polymer 'Antibody fragment (9D5) heavy chain'
4 non-polymer 'CHLORIDE ION'
5 non-polymer CHOLESTEROL
6 non-polymer 1-ETHOXY-2-(2-ETHOXYETHOXY)ETHANE
7 non-polymer 'SODIUM ION'
8 water water
#
loop_
_entity_poly.entity_id
_entity_poly.type
_entity_poly.pdbx_seq_one_letter_code
_entity_poly.pdbx_strand_id
1 'polypeptide(L)'
;DERETWSGKVDFLLSVIGFAVDLANVWRFPYLCYKNGGGAFLVPYGIMLAVGGIPLFYMELALGQHNRKGAITCWGRLVP
LFKGIGYAVVLIAFYVGFYYNVIIAWSLRFFFASFTNSLPWTSCNNIWNTPNCRPFEGHVEGFQSAASEYFNRYILELNR
SEGIHDLGAIKWDMALCLLIVYLICYFSLWKGISTSGKVVWFTALFPYAVLLILLIRGLTLPGSFLGIQYYLTPNFSAIY
KAEVWVDAATQVFFSLGPGFGVLLAYASYNKYHNNVYKDALLTSFINSATSFIAGFVIFSVLGYMAHTLGVRIEDVATEG
PGLVFVVYPAAIATMPASTFWALIFFMMLATLGLDSSFGGMEAIITALSDEFPKIKRNRELFVAGLFSLYFVVGLASCTQ
GGFYFFHLLDRYAAGYSILVAVFFEAIAVSWIYGTNRFSEDIRDMIGFPPGRYWQVCWRFVAPIFLLFITVYGLIGYEPL
TYADYVYPSWANALGWCIAGSSVVMIPAVAIFKLLSTPGSLRQRFTILTTPWRD
;
A
2 'polypeptide(L)'
;ENVLTQSPAIMSTSPGEKVTMTCRASSSVGSSYLHWYQQKSGASPKLWIYSTSNLASGVPARFSGSGSGTSYSLTISSVE
AEDAATYYCQQFSGYPLTFGSGTKLEMKRADAAPTVSIFPPSSEQLTSGGASVVCFLNNFYPKDINVKWKIDGSERQNGV
LNSWTDQDSKDSTYSMSSTLTLTKDEYERHNSYTCEATHKTSTSPIVKSFNRNE
;
L
3 'polypeptide(L)'
;EVQLVESGGGLVKPGGSLKLSCAASGFTFSSYAMSWVRQSPEKRLEWVAEISSGGRYIYYSDTVTGRFTISRDNARNILH
LEMSSLRSEDTAMYYCARGEVRQRGFDYWGQGTTLTVSSAKTTAPSVYPLAPVCGDTTGSSVTLGCLVKGYFPEPVTLTW
NSGSLSSGVHTFPAVLQSDLYTLSSSVTVTSSTWPSQSITCNVAHPASSTKVDKKIEPR
;
H
#
# COMPACT_ATOMS: atom_id res chain seq x y z
N ASP A 1 21.60 1.16 -6.66
CA ASP A 1 21.01 1.03 -5.33
C ASP A 1 21.96 1.61 -4.28
N GLU A 2 21.75 1.23 -3.02
CA GLU A 2 22.55 1.70 -1.89
C GLU A 2 22.54 3.23 -1.80
N ARG A 3 21.36 3.75 -1.47
CA ARG A 3 21.14 5.17 -1.30
C ARG A 3 20.64 5.41 0.12
N GLU A 4 21.33 6.28 0.86
CA GLU A 4 21.05 6.47 2.27
C GLU A 4 19.59 6.90 2.48
N THR A 5 19.05 6.54 3.64
CA THR A 5 17.66 6.80 3.99
C THR A 5 17.60 7.67 5.24
N TRP A 6 16.39 8.09 5.58
CA TRP A 6 16.18 8.85 6.81
C TRP A 6 16.60 8.05 8.02
N SER A 7 17.35 8.69 8.92
CA SER A 7 17.76 8.02 10.14
C SER A 7 16.56 7.53 10.94
N GLY A 8 15.50 8.34 10.98
CA GLY A 8 14.25 7.93 11.57
C GLY A 8 13.09 8.53 10.80
N LYS A 9 11.99 7.78 10.63
CA LYS A 9 10.89 8.28 9.83
C LYS A 9 10.36 9.62 10.35
N VAL A 10 10.62 9.94 11.61
CA VAL A 10 10.27 11.28 12.12
C VAL A 10 11.09 12.35 11.42
N ASP A 11 12.39 12.10 11.26
CA ASP A 11 13.30 13.02 10.57
C ASP A 11 12.71 13.44 9.23
N PHE A 12 12.05 12.50 8.55
CA PHE A 12 11.37 12.82 7.30
C PHE A 12 10.16 13.72 7.55
N LEU A 13 9.24 13.29 8.42
CA LEU A 13 8.00 14.04 8.63
C LEU A 13 8.28 15.46 9.09
N LEU A 14 9.16 15.62 10.09
CA LEU A 14 9.50 16.96 10.55
C LEU A 14 10.15 17.78 9.44
N SER A 15 10.90 17.12 8.54
CA SER A 15 11.51 17.84 7.44
C SER A 15 10.45 18.37 6.47
N VAL A 16 9.43 17.56 6.16
CA VAL A 16 8.40 18.02 5.23
C VAL A 16 7.42 18.95 5.93
N ILE A 17 7.07 18.67 7.18
CA ILE A 17 6.17 19.55 7.93
C ILE A 17 6.77 20.94 8.04
N GLY A 18 8.05 21.03 8.39
CA GLY A 18 8.71 22.32 8.45
C GLY A 18 8.74 23.04 7.11
N PHE A 19 8.80 22.29 6.02
CA PHE A 19 8.86 22.92 4.70
C PHE A 19 7.55 23.62 4.34
N ALA A 20 6.42 22.94 4.53
CA ALA A 20 5.13 23.47 4.10
C ALA A 20 4.55 24.50 5.06
N VAL A 21 5.09 24.62 6.27
CA VAL A 21 4.63 25.62 7.23
C VAL A 21 5.61 26.79 7.15
N ASP A 22 5.22 27.83 6.42
CA ASP A 22 6.03 29.04 6.32
C ASP A 22 5.24 30.23 6.84
N LEU A 23 5.60 31.43 6.41
CA LEU A 23 4.89 32.62 6.88
C LEU A 23 3.53 32.77 6.22
N ALA A 24 3.30 32.11 5.08
CA ALA A 24 1.98 32.10 4.46
C ALA A 24 0.94 31.51 5.41
N ASN A 25 1.34 30.52 6.21
CA ASN A 25 0.46 30.00 7.25
C ASN A 25 0.10 31.08 8.27
N VAL A 26 0.98 32.05 8.46
CA VAL A 26 0.80 33.08 9.48
C VAL A 26 0.27 34.38 8.88
N TRP A 27 0.82 34.82 7.76
CA TRP A 27 0.50 36.13 7.21
C TRP A 27 -0.42 36.09 6.00
N ARG A 28 -0.90 34.93 5.59
CA ARG A 28 -1.78 34.95 4.42
C ARG A 28 -3.07 34.17 4.63
N PHE A 29 -3.01 32.99 5.26
CA PHE A 29 -4.24 32.24 5.53
C PHE A 29 -5.21 33.01 6.42
N PRO A 30 -4.83 33.49 7.62
CA PRO A 30 -5.82 34.15 8.47
C PRO A 30 -6.35 35.45 7.90
N TYR A 31 -5.52 36.20 7.17
CA TYR A 31 -6.05 37.34 6.44
C TYR A 31 -7.12 36.90 5.45
N LEU A 32 -6.90 35.76 4.79
CA LEU A 32 -7.82 35.29 3.76
C LEU A 32 -9.16 34.89 4.36
N CYS A 33 -9.15 34.24 5.53
CA CYS A 33 -10.39 33.99 6.25
C CYS A 33 -11.10 35.29 6.58
N TYR A 34 -10.34 36.27 7.08
CA TYR A 34 -10.92 37.59 7.33
C TYR A 34 -11.46 38.22 6.05
N LYS A 35 -10.68 38.17 4.97
CA LYS A 35 -11.06 38.87 3.75
C LYS A 35 -12.28 38.22 3.09
N ASN A 36 -12.47 36.92 3.26
CA ASN A 36 -13.39 36.15 2.43
C ASN A 36 -14.40 35.38 3.27
N GLY A 37 -15.07 36.08 4.19
CA GLY A 37 -16.27 35.54 4.84
C GLY A 37 -16.05 34.74 6.11
N GLY A 38 -14.90 34.86 6.76
CA GLY A 38 -14.71 34.18 8.02
C GLY A 38 -14.72 32.67 7.86
N GLY A 39 -15.44 32.00 8.76
CA GLY A 39 -15.50 30.54 8.71
C GLY A 39 -16.02 30.02 7.38
N ALA A 40 -16.81 30.82 6.66
CA ALA A 40 -17.29 30.41 5.35
C ALA A 40 -16.13 30.21 4.37
N PHE A 41 -15.05 30.95 4.52
CA PHE A 41 -13.90 30.79 3.65
C PHE A 41 -13.31 29.39 3.73
N LEU A 42 -13.52 28.69 4.84
CA LEU A 42 -12.94 27.37 5.02
C LEU A 42 -13.46 26.37 3.99
N VAL A 43 -14.71 26.52 3.56
CA VAL A 43 -15.32 25.58 2.62
C VAL A 43 -14.52 25.55 1.32
N PRO A 44 -14.38 26.66 0.58
CA PRO A 44 -13.53 26.59 -0.62
C PRO A 44 -12.08 26.30 -0.30
N TYR A 45 -11.59 26.76 0.86
CA TYR A 45 -10.25 26.36 1.28
C TYR A 45 -10.18 24.87 1.57
N GLY A 46 -11.25 24.32 2.15
CA GLY A 46 -11.32 22.90 2.44
C GLY A 46 -11.58 22.05 1.22
N ILE A 47 -12.41 22.56 0.31
CA ILE A 47 -12.64 21.89 -0.97
C ILE A 47 -11.33 21.85 -1.74
N MET A 48 -10.82 23.03 -2.10
CA MET A 48 -9.59 23.12 -2.90
C MET A 48 -8.45 22.35 -2.26
N LEU A 49 -8.46 22.20 -0.94
CA LEU A 49 -7.51 21.30 -0.29
C LEU A 49 -7.77 19.85 -0.70
N ALA A 50 -9.01 19.40 -0.54
CA ALA A 50 -9.32 17.98 -0.72
C ALA A 50 -9.26 17.55 -2.18
N VAL A 51 -9.64 18.42 -3.11
CA VAL A 51 -9.73 18.01 -4.50
C VAL A 51 -8.49 18.45 -5.28
N GLY A 52 -7.86 19.53 -4.82
CA GLY A 52 -6.73 20.08 -5.53
C GLY A 52 -5.39 19.89 -4.84
N GLY A 53 -5.17 20.63 -3.75
CA GLY A 53 -3.87 20.62 -3.09
C GLY A 53 -3.41 19.28 -2.56
N ILE A 54 -4.28 18.61 -1.79
CA ILE A 54 -3.89 17.33 -1.19
C ILE A 54 -3.55 16.29 -2.25
N PRO A 55 -4.37 16.05 -3.28
CA PRO A 55 -3.98 15.07 -4.31
C PRO A 55 -2.70 15.41 -5.03
N LEU A 56 -2.36 16.70 -5.15
CA LEU A 56 -1.10 17.08 -5.76
C LEU A 56 0.06 16.88 -4.78
N PHE A 57 -0.14 17.27 -3.52
CA PHE A 57 0.84 17.01 -2.47
C PHE A 57 1.12 15.51 -2.35
N TYR A 58 0.05 14.70 -2.31
CA TYR A 58 0.17 13.24 -2.30
C TYR A 58 1.03 12.75 -3.46
N MET A 59 0.85 13.36 -4.63
CA MET A 59 1.56 12.90 -5.82
C MET A 59 3.08 13.08 -5.67
N GLU A 60 3.53 14.33 -5.50
CA GLU A 60 4.96 14.63 -5.63
C GLU A 60 5.82 13.78 -4.70
N LEU A 61 5.34 13.48 -3.49
CA LEU A 61 6.12 12.65 -2.58
C LEU A 61 5.90 11.15 -2.78
N ALA A 62 4.81 10.75 -3.45
CA ALA A 62 4.72 9.37 -3.90
C ALA A 62 5.75 9.06 -4.97
N LEU A 63 6.02 10.03 -5.86
CA LEU A 63 7.06 9.87 -6.88
C LEU A 63 8.45 9.82 -6.25
N GLY A 64 8.70 10.64 -5.24
CA GLY A 64 9.99 10.64 -4.56
C GLY A 64 10.36 9.27 -4.03
N GLN A 65 9.50 8.72 -3.16
CA GLN A 65 9.79 7.42 -2.56
C GLN A 65 9.94 6.34 -3.62
N HIS A 66 9.07 6.33 -4.63
CA HIS A 66 9.10 5.30 -5.65
C HIS A 66 10.39 5.34 -6.45
N ASN A 67 10.52 6.33 -7.35
CA ASN A 67 11.65 6.38 -8.27
C ASN A 67 12.98 6.67 -7.58
N ARG A 68 12.97 6.89 -6.27
CA ARG A 68 14.19 6.94 -5.44
C ARG A 68 15.27 7.88 -5.96
N LYS A 69 14.94 8.75 -6.91
CA LYS A 69 15.91 9.65 -7.51
C LYS A 69 15.46 11.10 -7.38
N GLY A 70 16.43 12.01 -7.53
CA GLY A 70 16.15 13.43 -7.44
C GLY A 70 15.38 13.95 -8.63
N ALA A 71 14.95 15.21 -8.49
CA ALA A 71 13.90 15.77 -9.36
C ALA A 71 14.21 15.59 -10.85
N ILE A 72 15.38 16.06 -11.31
CA ILE A 72 15.71 15.98 -12.73
C ILE A 72 15.84 14.52 -13.16
N THR A 73 16.68 13.76 -12.47
CA THR A 73 16.85 12.34 -12.77
C THR A 73 15.51 11.61 -12.73
N CYS A 74 14.69 11.91 -11.72
CA CYS A 74 13.36 11.33 -11.61
C CYS A 74 12.53 11.59 -12.87
N TRP A 75 12.40 12.87 -13.24
CA TRP A 75 11.57 13.20 -14.40
C TRP A 75 12.15 12.66 -15.69
N GLY A 76 13.48 12.59 -15.80
CA GLY A 76 14.07 11.98 -16.98
C GLY A 76 13.85 10.49 -17.06
N ARG A 77 13.75 9.83 -15.90
CA ARG A 77 13.67 8.37 -15.82
C ARG A 77 12.24 7.84 -15.83
N LEU A 78 11.26 8.67 -16.15
CA LEU A 78 9.91 8.13 -16.35
C LEU A 78 9.19 8.71 -17.56
N VAL A 79 9.46 9.95 -17.96
CA VAL A 79 9.05 10.48 -19.26
C VAL A 79 10.19 11.33 -19.79
N PRO A 80 11.02 10.79 -20.69
CA PRO A 80 12.17 11.58 -21.18
C PRO A 80 11.77 12.75 -22.08
N LEU A 81 10.61 12.67 -22.75
CA LEU A 81 10.16 13.78 -23.57
C LEU A 81 10.01 15.06 -22.76
N PHE A 82 9.62 14.94 -21.49
CA PHE A 82 9.39 16.08 -20.63
C PHE A 82 10.43 16.17 -19.51
N LYS A 83 11.63 15.66 -19.75
CA LYS A 83 12.70 15.78 -18.76
C LYS A 83 12.99 17.25 -18.44
N GLY A 84 12.69 18.15 -19.38
CA GLY A 84 12.84 19.57 -19.13
C GLY A 84 12.05 20.07 -17.93
N ILE A 85 11.00 19.34 -17.54
CA ILE A 85 10.26 19.68 -16.32
C ILE A 85 11.21 19.73 -15.13
N GLY A 86 11.95 18.64 -14.91
CA GLY A 86 12.83 18.56 -13.76
C GLY A 86 13.80 19.72 -13.66
N TYR A 87 14.32 20.19 -14.81
CA TYR A 87 15.23 21.32 -14.81
C TYR A 87 14.54 22.59 -14.33
N ALA A 88 13.44 22.95 -14.99
CA ALA A 88 12.69 24.15 -14.63
C ALA A 88 12.34 24.17 -13.15
N VAL A 89 11.92 23.02 -12.63
CA VAL A 89 11.58 22.91 -11.22
C VAL A 89 12.75 23.32 -10.34
N VAL A 90 13.96 22.91 -10.72
CA VAL A 90 15.14 23.30 -9.94
C VAL A 90 15.54 24.74 -10.24
N LEU A 91 15.32 25.22 -11.47
CA LEU A 91 15.58 26.62 -11.78
C LEU A 91 14.69 27.53 -10.94
N ILE A 92 13.41 27.20 -10.86
CA ILE A 92 12.49 27.94 -10.00
C ILE A 92 12.97 27.88 -8.56
N ALA A 93 13.29 26.67 -8.07
CA ALA A 93 13.86 26.54 -6.74
C ALA A 93 15.15 27.33 -6.60
N PHE A 94 15.94 27.40 -7.67
CA PHE A 94 17.19 28.16 -7.64
C PHE A 94 16.92 29.65 -7.42
N TYR A 95 16.01 30.22 -8.21
CA TYR A 95 15.73 31.66 -8.10
C TYR A 95 15.15 32.00 -6.73
N VAL A 96 14.26 31.16 -6.22
CA VAL A 96 13.58 31.44 -4.95
C VAL A 96 14.58 31.69 -3.85
N GLY A 97 15.69 30.94 -3.84
CA GLY A 97 16.67 31.07 -2.78
C GLY A 97 17.28 32.46 -2.69
N PHE A 98 17.27 33.22 -3.79
CA PHE A 98 17.86 34.55 -3.77
C PHE A 98 17.04 35.53 -2.94
N TYR A 99 15.72 35.39 -2.91
CA TYR A 99 14.89 36.37 -2.21
C TYR A 99 14.16 35.82 -0.99
N TYR A 100 13.82 34.53 -0.95
CA TYR A 100 13.08 34.03 0.21
C TYR A 100 13.92 34.12 1.48
N ASN A 101 15.22 33.86 1.39
CA ASN A 101 16.06 33.87 2.59
C ASN A 101 16.18 35.25 3.21
N VAL A 102 15.74 36.31 2.51
CA VAL A 102 15.78 37.64 3.10
C VAL A 102 14.79 37.75 4.24
N ILE A 103 13.62 37.14 4.08
CA ILE A 103 12.61 37.20 5.14
C ILE A 103 13.16 36.59 6.42
N ILE A 104 13.97 35.55 6.29
CA ILE A 104 14.67 35.00 7.44
C ILE A 104 15.65 36.03 8.00
N ALA A 105 16.41 36.66 7.12
CA ALA A 105 17.37 37.68 7.55
C ALA A 105 16.66 38.82 8.28
N TRP A 106 15.55 39.30 7.73
CA TRP A 106 14.79 40.38 8.35
C TRP A 106 14.37 40.01 9.78
N SER A 107 13.73 38.84 9.92
CA SER A 107 13.34 38.39 11.26
C SER A 107 14.54 38.28 12.18
N LEU A 108 15.69 37.84 11.64
CA LEU A 108 16.90 37.75 12.45
C LEU A 108 17.35 39.12 12.93
N ARG A 109 17.32 40.12 12.04
CA ARG A 109 17.65 41.48 12.44
C ARG A 109 16.74 41.95 13.56
N PHE A 110 15.43 41.82 13.38
CA PHE A 110 14.47 42.14 14.44
C PHE A 110 14.74 41.33 15.70
N PHE A 111 15.31 40.15 15.58
CA PHE A 111 15.56 39.31 16.75
C PHE A 111 16.57 39.97 17.67
N PHE A 112 17.84 40.09 17.25
CA PHE A 112 18.82 40.75 18.09
C PHE A 112 18.86 42.26 17.86
N ALA A 113 17.77 42.85 17.40
CA ALA A 113 17.48 44.26 17.62
C ALA A 113 16.45 44.44 18.73
N SER A 114 16.05 43.36 19.39
CA SER A 114 15.09 43.40 20.48
C SER A 114 15.73 43.15 21.84
N PHE A 115 17.05 43.03 21.90
CA PHE A 115 17.76 42.84 23.16
C PHE A 115 17.94 44.19 23.86
N THR A 116 16.83 44.69 24.38
CA THR A 116 16.81 45.91 25.18
C THR A 116 15.54 45.92 26.01
N ASN A 117 15.52 46.81 27.00
CA ASN A 117 14.38 46.93 27.91
C ASN A 117 13.23 47.76 27.34
N SER A 118 13.43 48.42 26.20
CA SER A 118 12.39 49.21 25.56
C SER A 118 12.54 49.10 24.05
N LEU A 119 11.56 48.48 23.40
CA LEU A 119 11.65 48.24 21.96
C LEU A 119 11.61 49.56 21.20
N PRO A 120 12.33 49.66 20.07
CA PRO A 120 12.44 50.96 19.39
C PRO A 120 11.30 51.28 18.43
N TRP A 121 10.48 50.31 18.03
CA TRP A 121 9.41 50.56 17.07
C TRP A 121 8.12 51.02 17.73
N THR A 122 8.21 51.79 18.81
CA THR A 122 7.04 52.29 19.52
C THR A 122 6.89 53.80 19.45
N SER A 123 7.99 54.54 19.63
CA SER A 123 7.94 55.98 19.70
C SER A 123 7.93 56.59 18.29
N CYS A 124 7.90 57.92 18.24
CA CYS A 124 8.09 58.65 16.99
C CYS A 124 8.84 59.95 17.23
N ASN A 125 9.71 59.95 18.24
CA ASN A 125 10.61 61.07 18.51
C ASN A 125 12.06 60.70 18.23
N ASN A 126 12.26 59.82 17.25
CA ASN A 126 13.59 59.31 16.94
C ASN A 126 14.14 59.97 15.68
N ILE A 127 15.44 59.77 15.50
CA ILE A 127 16.22 60.38 14.43
C ILE A 127 15.62 60.09 13.05
N TRP A 128 14.97 58.94 12.89
CA TRP A 128 14.50 58.48 11.60
C TRP A 128 13.01 58.70 11.39
N ASN A 129 12.35 59.48 12.24
CA ASN A 129 10.91 59.60 12.16
C ASN A 129 10.51 60.74 11.23
N THR A 130 9.21 61.07 11.23
CA THR A 130 8.60 61.97 10.28
C THR A 130 7.47 62.70 10.99
N PRO A 131 7.25 63.98 10.68
CA PRO A 131 6.08 64.68 11.25
C PRO A 131 4.76 64.03 10.90
N ASN A 132 4.73 63.16 9.89
CA ASN A 132 3.51 62.46 9.49
C ASN A 132 3.32 61.14 10.22
N CYS A 133 4.00 60.94 11.34
CA CYS A 133 3.83 59.69 12.06
C CYS A 133 2.59 59.71 12.93
N ARG A 134 2.11 58.51 13.24
CA ARG A 134 1.00 58.24 14.16
C ARG A 134 1.40 57.12 15.10
N PRO A 135 0.85 57.08 16.31
CA PRO A 135 1.22 55.98 17.23
C PRO A 135 0.89 54.60 16.68
N PHE A 136 -0.26 54.45 16.01
CA PHE A 136 -0.64 53.15 15.46
C PHE A 136 -1.16 53.32 14.03
N GLU A 137 -1.76 52.26 13.48
CA GLU A 137 -2.13 52.24 12.07
C GLU A 137 -3.29 53.21 11.80
N GLY A 138 -3.71 53.25 10.54
CA GLY A 138 -4.80 54.11 10.14
C GLY A 138 -5.16 53.89 8.69
N HIS A 139 -6.39 54.29 8.35
CA HIS A 139 -6.90 54.12 7.00
C HIS A 139 -6.55 55.31 6.12
N VAL A 140 -5.42 55.95 6.40
CA VAL A 140 -4.94 57.08 5.62
C VAL A 140 -3.69 56.65 4.88
N GLU A 141 -3.42 57.34 3.77
CA GLU A 141 -2.31 56.97 2.90
C GLU A 141 -0.96 57.39 3.47
N GLY A 142 -0.63 58.67 3.33
CA GLY A 142 0.71 59.16 3.63
C GLY A 142 0.97 59.49 5.09
N PHE A 143 0.26 58.85 6.01
CA PHE A 143 0.47 59.03 7.44
C PHE A 143 0.67 57.64 8.05
N GLN A 144 1.88 57.13 7.93
CA GLN A 144 2.19 55.77 8.36
C GLN A 144 2.31 55.71 9.89
N SER A 145 2.53 54.51 10.40
CA SER A 145 2.56 54.25 11.83
C SER A 145 3.93 54.55 12.41
N ALA A 146 4.16 54.13 13.66
CA ALA A 146 5.47 54.19 14.30
C ALA A 146 6.37 53.03 13.91
N ALA A 147 5.78 51.85 13.65
CA ALA A 147 6.54 50.70 13.19
C ALA A 147 6.65 50.64 11.67
N SER A 148 5.67 51.21 10.96
CA SER A 148 5.79 51.34 9.51
C SER A 148 6.96 52.23 9.12
N GLU A 149 7.40 53.10 10.01
CA GLU A 149 8.54 53.98 9.74
C GLU A 149 9.85 53.40 10.25
N TYR A 150 9.83 52.69 11.38
CA TYR A 150 11.01 51.97 11.82
C TYR A 150 11.43 50.93 10.79
N PHE A 151 10.46 50.25 10.19
CA PHE A 151 10.74 49.26 9.16
C PHE A 151 11.36 49.91 7.93
N ASN A 152 10.76 51.00 7.45
CA ASN A 152 11.23 51.64 6.23
C ASN A 152 12.45 52.52 6.48
N ARG A 153 12.37 53.43 7.45
CA ARG A 153 13.36 54.48 7.57
C ARG A 153 14.61 54.06 8.34
N TYR A 154 14.54 53.00 9.16
CA TYR A 154 15.71 52.50 9.87
C TYR A 154 16.14 51.13 9.36
N ILE A 155 15.29 50.11 9.49
CA ILE A 155 15.69 48.75 9.16
C ILE A 155 16.03 48.64 7.68
N LEU A 156 15.04 48.88 6.82
CA LEU A 156 15.26 48.74 5.38
C LEU A 156 16.04 49.89 4.79
N GLU A 157 15.98 51.08 5.41
CA GLU A 157 16.57 52.29 4.86
C GLU A 157 16.03 52.58 3.46
N LEU A 158 14.78 52.16 3.22
CA LEU A 158 14.22 52.14 1.88
C LEU A 158 13.97 53.55 1.33
N ASN A 159 13.61 54.49 2.20
CA ASN A 159 13.25 55.84 1.74
C ASN A 159 14.37 56.53 0.98
N ARG A 160 15.60 56.02 1.04
CA ARG A 160 16.73 56.60 0.33
C ARG A 160 16.91 56.00 -1.06
N SER A 161 15.90 55.29 -1.57
CA SER A 161 15.94 54.70 -2.89
C SER A 161 14.83 55.30 -3.74
N GLU A 162 15.19 55.77 -4.93
CA GLU A 162 14.23 56.35 -5.85
C GLU A 162 13.59 55.33 -6.78
N GLY A 163 13.93 54.06 -6.63
CA GLY A 163 13.37 53.03 -7.49
C GLY A 163 14.24 51.79 -7.46
N ILE A 164 14.09 50.96 -8.51
CA ILE A 164 14.88 49.74 -8.61
C ILE A 164 16.32 50.06 -8.97
N HIS A 165 16.55 51.14 -9.73
CA HIS A 165 17.90 51.47 -10.17
C HIS A 165 18.74 51.98 -9.01
N ASP A 166 18.30 53.06 -8.37
CA ASP A 166 18.97 53.54 -7.17
C ASP A 166 18.87 52.49 -6.08
N LEU A 167 20.02 51.95 -5.69
CA LEU A 167 20.10 50.96 -4.63
C LEU A 167 20.90 51.43 -3.43
N GLY A 168 21.57 52.58 -3.52
CA GLY A 168 22.29 53.15 -2.40
C GLY A 168 23.36 52.27 -1.81
N ALA A 169 23.76 52.54 -0.58
CA ALA A 169 24.79 51.77 0.08
C ALA A 169 24.26 50.39 0.45
N ILE A 170 25.12 49.61 1.11
CA ILE A 170 24.78 48.27 1.56
C ILE A 170 24.61 48.31 3.07
N LYS A 171 23.40 48.00 3.54
CA LYS A 171 23.16 47.89 4.97
C LYS A 171 23.92 46.67 5.49
N TRP A 172 25.06 46.91 6.13
CA TRP A 172 25.97 45.82 6.47
C TRP A 172 25.49 44.99 7.65
N ASP A 173 24.70 45.59 8.55
CA ASP A 173 24.03 44.79 9.57
C ASP A 173 23.13 43.74 8.94
N MET A 174 22.41 44.14 7.88
CA MET A 174 21.53 43.20 7.18
C MET A 174 22.33 42.11 6.50
N ALA A 175 23.46 42.46 5.88
CA ALA A 175 24.28 41.47 5.20
C ALA A 175 24.79 40.42 6.16
N LEU A 176 25.22 40.83 7.36
CA LEU A 176 25.66 39.86 8.35
C LEU A 176 24.52 38.92 8.74
N CYS A 177 23.30 39.46 8.86
CA CYS A 177 22.14 38.63 9.16
C CYS A 177 21.90 37.61 8.05
N LEU A 178 21.93 38.07 6.79
CA LEU A 178 21.82 37.15 5.67
C LEU A 178 22.99 36.17 5.64
N LEU A 179 24.18 36.62 6.03
CA LEU A 179 25.31 35.71 6.20
C LEU A 179 24.98 34.65 7.25
N ILE A 180 24.45 35.09 8.39
CA ILE A 180 24.09 34.16 9.46
C ILE A 180 23.05 33.15 8.98
N VAL A 181 22.14 33.59 8.11
CA VAL A 181 21.12 32.72 7.54
C VAL A 181 21.78 31.58 6.78
N TYR A 182 22.45 31.91 5.67
CA TYR A 182 23.08 30.87 4.85
C TYR A 182 24.10 30.07 5.64
N LEU A 183 24.72 30.68 6.67
CA LEU A 183 25.73 29.96 7.44
C LEU A 183 25.10 28.81 8.24
N ILE A 184 23.99 29.09 8.93
CA ILE A 184 23.28 28.01 9.61
C ILE A 184 22.53 27.12 8.62
N CYS A 185 22.32 27.59 7.39
CA CYS A 185 21.87 26.70 6.34
C CYS A 185 22.95 25.68 5.98
N TYR A 186 24.19 26.17 5.80
CA TYR A 186 25.30 25.28 5.46
C TYR A 186 25.57 24.26 6.56
N PHE A 187 25.81 24.75 7.79
CA PHE A 187 26.07 23.84 8.90
C PHE A 187 24.87 22.96 9.28
N SER A 188 23.81 22.96 8.47
CA SER A 188 22.68 22.07 8.66
C SER A 188 22.37 21.22 7.43
N LEU A 189 23.06 21.45 6.31
CA LEU A 189 22.73 20.76 5.06
C LEU A 189 23.96 20.21 4.34
N TRP A 190 25.14 20.23 4.95
CA TRP A 190 26.32 19.77 4.22
C TRP A 190 26.58 18.28 4.44
N LYS A 191 26.50 17.82 5.69
CA LYS A 191 26.74 16.40 6.01
C LYS A 191 25.60 15.48 5.58
N GLY A 192 24.58 16.00 4.89
CA GLY A 192 23.51 15.17 4.38
C GLY A 192 22.30 15.13 5.29
N ILE A 193 21.52 14.07 5.13
CA ILE A 193 20.31 13.87 5.92
C ILE A 193 20.65 13.69 7.39
N SER A 194 21.78 13.04 7.68
CA SER A 194 22.14 12.69 9.05
C SER A 194 22.13 13.90 9.99
N THR A 195 22.14 15.11 9.44
CA THR A 195 22.01 16.35 10.21
C THR A 195 20.77 17.15 9.84
N SER A 196 20.44 17.23 8.54
CA SER A 196 19.23 17.93 8.13
C SER A 196 18.00 17.35 8.80
N GLY A 197 17.84 16.02 8.75
CA GLY A 197 16.74 15.38 9.43
C GLY A 197 16.75 15.59 10.92
N LYS A 198 17.88 16.03 11.49
CA LYS A 198 17.97 16.32 12.91
C LYS A 198 17.70 17.80 13.21
N VAL A 199 18.26 18.71 12.40
CA VAL A 199 18.07 20.14 12.64
C VAL A 199 16.59 20.50 12.59
N VAL A 200 15.83 19.87 11.69
CA VAL A 200 14.42 20.18 11.54
C VAL A 200 13.63 19.94 12.82
N TRP A 201 14.19 19.17 13.76
CA TRP A 201 13.52 19.00 15.05
C TRP A 201 13.41 20.33 15.78
N PHE A 202 14.41 21.19 15.66
CA PHE A 202 14.29 22.53 16.23
C PHE A 202 13.41 23.41 15.36
N THR A 203 13.71 23.48 14.06
CA THR A 203 13.04 24.46 13.19
C THR A 203 11.57 24.13 12.97
N ALA A 204 11.19 22.84 12.97
CA ALA A 204 9.78 22.52 12.77
C ALA A 204 8.99 22.57 14.06
N LEU A 205 9.64 22.33 15.20
CA LEU A 205 8.90 22.23 16.46
C LEU A 205 8.93 23.53 17.25
N PHE A 206 10.03 24.28 17.19
CA PHE A 206 10.09 25.56 17.89
C PHE A 206 8.94 26.49 17.57
N PRO A 207 8.46 26.62 16.33
CA PRO A 207 7.27 27.45 16.10
C PRO A 207 6.07 27.04 16.93
N TYR A 208 5.83 25.73 17.08
CA TYR A 208 4.67 25.27 17.84
C TYR A 208 4.80 25.57 19.33
N ALA A 209 6.02 25.54 19.86
CA ALA A 209 6.25 26.04 21.21
C ALA A 209 5.88 27.52 21.30
N VAL A 210 6.42 28.32 20.39
CA VAL A 210 6.12 29.75 20.39
C VAL A 210 4.64 29.97 20.06
N LEU A 211 4.12 29.29 19.05
CA LEU A 211 2.71 29.44 18.69
C LEU A 211 1.79 29.20 19.88
N LEU A 212 2.10 28.19 20.70
CA LEU A 212 1.29 27.93 21.88
C LEU A 212 1.40 29.07 22.90
N ILE A 213 2.61 29.56 23.13
CA ILE A 213 2.81 30.65 24.08
C ILE A 213 1.98 31.87 23.68
N LEU A 214 2.11 32.31 22.43
CA LEU A 214 1.31 33.45 21.98
C LEU A 214 -0.16 33.10 21.79
N LEU A 215 -0.51 31.83 21.59
CA LEU A 215 -1.92 31.46 21.62
C LEU A 215 -2.49 31.64 23.01
N ILE A 216 -1.73 31.26 24.04
CA ILE A 216 -2.14 31.47 25.42
C ILE A 216 -2.17 32.96 25.72
N ARG A 217 -1.17 33.71 25.25
CA ARG A 217 -1.09 35.12 25.56
C ARG A 217 -2.20 35.91 24.88
N GLY A 218 -2.47 35.60 23.61
CA GLY A 218 -3.42 36.40 22.84
C GLY A 218 -4.84 36.27 23.35
N LEU A 219 -5.28 35.06 23.64
CA LEU A 219 -6.65 34.85 24.12
C LEU A 219 -6.89 35.46 25.49
N THR A 220 -5.84 35.69 26.26
CA THR A 220 -5.94 36.34 27.57
C THR A 220 -5.76 37.85 27.48
N LEU A 221 -6.33 38.49 26.46
CA LEU A 221 -6.16 39.91 26.27
C LEU A 221 -7.52 40.59 26.13
N PRO A 222 -7.63 41.83 26.60
CA PRO A 222 -8.87 42.60 26.39
C PRO A 222 -9.21 42.71 24.92
N GLY A 223 -10.42 42.29 24.56
CA GLY A 223 -10.84 42.30 23.18
C GLY A 223 -10.33 41.15 22.34
N SER A 224 -9.75 40.13 22.97
CA SER A 224 -9.23 38.99 22.21
C SER A 224 -10.34 38.29 21.43
N PHE A 225 -11.48 38.06 22.09
CA PHE A 225 -12.61 37.43 21.40
C PHE A 225 -13.04 38.25 20.19
N LEU A 226 -12.94 39.58 20.28
CA LEU A 226 -13.32 40.44 19.16
C LEU A 226 -12.51 40.09 17.91
N GLY A 227 -11.22 39.80 18.08
CA GLY A 227 -10.42 39.41 16.93
C GLY A 227 -10.85 38.06 16.35
N ILE A 228 -11.10 37.08 17.23
CA ILE A 228 -11.64 35.81 16.77
C ILE A 228 -12.99 36.00 16.11
N GLN A 229 -13.79 36.94 16.61
CA GLN A 229 -15.04 37.29 15.95
C GLN A 229 -14.79 37.80 14.54
N TYR A 230 -13.75 38.62 14.35
CA TYR A 230 -13.38 39.06 13.01
C TYR A 230 -12.76 37.93 12.18
N TYR A 231 -12.18 36.94 12.84
CA TYR A 231 -11.47 35.85 12.16
C TYR A 231 -12.44 34.82 11.56
N LEU A 232 -13.48 34.44 12.30
CA LEU A 232 -14.31 33.28 11.96
C LEU A 232 -15.80 33.56 11.76
N THR A 233 -16.28 34.79 11.92
CA THR A 233 -17.70 35.05 11.73
C THR A 233 -18.07 34.75 10.28
N PRO A 234 -19.05 33.87 10.03
CA PRO A 234 -19.31 33.42 8.66
C PRO A 234 -20.13 34.41 7.86
N ASN A 235 -19.77 34.53 6.57
CA ASN A 235 -20.51 35.32 5.59
C ASN A 235 -20.53 34.47 4.31
N PHE A 236 -21.40 33.47 4.30
CA PHE A 236 -21.41 32.47 3.22
C PHE A 236 -21.66 33.09 1.85
N SER A 237 -22.23 34.30 1.80
CA SER A 237 -22.36 35.01 0.54
C SER A 237 -21.04 35.09 -0.22
N ALA A 238 -19.91 34.95 0.49
CA ALA A 238 -18.62 34.92 -0.20
C ALA A 238 -18.49 33.68 -1.07
N ILE A 239 -19.09 32.56 -0.65
CA ILE A 239 -18.99 31.33 -1.43
C ILE A 239 -19.66 31.50 -2.78
N TYR A 240 -20.79 32.22 -2.82
CA TYR A 240 -21.46 32.50 -4.08
C TYR A 240 -20.60 33.34 -5.03
N LYS A 241 -19.53 33.97 -4.54
CA LYS A 241 -18.65 34.76 -5.38
C LYS A 241 -17.66 33.85 -6.11
N ALA A 242 -16.63 34.45 -6.73
CA ALA A 242 -15.71 33.68 -7.55
C ALA A 242 -14.26 33.92 -7.17
N GLU A 243 -13.95 35.16 -6.75
CA GLU A 243 -12.59 35.47 -6.34
C GLU A 243 -12.19 34.72 -5.08
N VAL A 244 -13.17 34.36 -4.24
CA VAL A 244 -12.88 33.61 -3.02
C VAL A 244 -12.29 32.25 -3.36
N TRP A 245 -12.91 31.54 -4.30
CA TRP A 245 -12.39 30.24 -4.72
C TRP A 245 -10.99 30.36 -5.29
N VAL A 246 -10.72 31.47 -6.00
CA VAL A 246 -9.37 31.71 -6.50
C VAL A 246 -8.42 31.98 -5.34
N ASP A 247 -8.84 32.84 -4.39
CA ASP A 247 -8.02 33.10 -3.21
C ASP A 247 -7.79 31.81 -2.42
N ALA A 248 -8.82 30.98 -2.29
CA ALA A 248 -8.68 29.73 -1.55
C ALA A 248 -7.77 28.75 -2.29
N ALA A 249 -8.11 28.46 -3.55
CA ALA A 249 -7.33 27.51 -4.35
C ALA A 249 -5.86 27.92 -4.41
N THR A 250 -5.59 29.21 -4.56
CA THR A 250 -4.23 29.69 -4.64
C THR A 250 -3.46 29.41 -3.36
N GLN A 251 -4.06 29.74 -2.21
CA GLN A 251 -3.38 29.53 -0.94
C GLN A 251 -3.08 28.07 -0.70
N VAL A 252 -4.04 27.19 -1.00
CA VAL A 252 -3.83 25.75 -0.84
C VAL A 252 -2.59 25.30 -1.60
N PHE A 253 -2.42 25.80 -2.82
CA PHE A 253 -1.27 25.45 -3.64
C PHE A 253 0.03 25.86 -2.95
N PHE A 254 0.20 27.15 -2.69
CA PHE A 254 1.46 27.66 -2.17
C PHE A 254 1.66 27.38 -0.68
N SER A 255 0.59 27.12 0.07
CA SER A 255 0.75 26.70 1.45
C SER A 255 1.14 25.23 1.56
N LEU A 256 1.15 24.51 0.44
CA LEU A 256 1.53 23.10 0.42
C LEU A 256 2.76 22.82 -0.45
N GLY A 257 3.13 23.73 -1.35
CA GLY A 257 4.27 23.60 -2.22
C GLY A 257 4.43 22.26 -2.94
N PRO A 258 3.39 21.79 -3.62
CA PRO A 258 3.52 20.51 -4.33
C PRO A 258 4.19 20.70 -5.68
N GLY A 259 4.93 19.67 -6.11
CA GLY A 259 5.60 19.70 -7.38
C GLY A 259 6.79 20.62 -7.47
N PHE A 260 7.16 21.28 -6.37
CA PHE A 260 8.31 22.18 -6.41
C PHE A 260 9.64 21.42 -6.47
N GLY A 261 9.60 20.10 -6.51
CA GLY A 261 10.80 19.27 -6.48
C GLY A 261 11.31 18.95 -5.10
N VAL A 262 10.71 19.52 -4.06
CA VAL A 262 11.18 19.36 -2.69
C VAL A 262 10.59 18.12 -2.03
N LEU A 263 9.28 17.92 -2.13
CA LEU A 263 8.68 16.69 -1.64
C LEU A 263 9.24 15.48 -2.38
N LEU A 264 9.40 15.60 -3.69
CA LEU A 264 10.08 14.58 -4.47
C LEU A 264 11.47 14.31 -3.91
N ALA A 265 12.23 15.38 -3.66
CA ALA A 265 13.58 15.22 -3.13
C ALA A 265 13.56 14.64 -1.72
N TYR A 266 12.74 15.21 -0.83
CA TYR A 266 12.65 14.70 0.53
C TYR A 266 12.19 13.25 0.57
N ALA A 267 11.16 12.92 -0.20
CA ALA A 267 10.63 11.56 -0.19
C ALA A 267 11.51 10.56 -0.92
N SER A 268 12.40 11.02 -1.80
CA SER A 268 13.32 10.13 -2.50
C SER A 268 14.33 9.47 -1.55
N TYR A 269 14.22 9.71 -0.24
CA TYR A 269 15.04 9.04 0.74
C TYR A 269 14.24 8.10 1.63
N ASN A 270 12.91 8.06 1.49
CA ASN A 270 12.11 7.09 2.21
C ASN A 270 12.50 5.67 1.77
N LYS A 271 12.34 4.73 2.69
CA LYS A 271 12.35 3.33 2.30
C LYS A 271 11.25 3.10 1.27
N TYR A 272 11.47 2.11 0.40
CA TYR A 272 10.51 1.84 -0.67
C TYR A 272 9.12 1.58 -0.07
N HIS A 273 9.01 0.54 0.74
CA HIS A 273 7.71 0.12 1.28
C HIS A 273 7.40 0.89 2.56
N ASN A 274 7.10 2.17 2.36
CA ASN A 274 6.65 3.07 3.42
C ASN A 274 5.26 3.59 3.07
N ASN A 275 4.39 3.67 4.07
CA ASN A 275 3.01 4.11 3.87
C ASN A 275 3.03 5.62 3.63
N VAL A 276 3.42 5.99 2.41
CA VAL A 276 3.41 7.39 2.00
C VAL A 276 2.03 7.99 2.11
N TYR A 277 0.99 7.21 1.80
CA TYR A 277 -0.38 7.73 1.86
C TYR A 277 -0.72 8.23 3.26
N LYS A 278 -0.29 7.50 4.30
CA LYS A 278 -0.49 7.98 5.66
C LYS A 278 0.38 9.21 5.93
N ASP A 279 1.55 9.28 5.30
CA ASP A 279 2.43 10.43 5.49
C ASP A 279 1.80 11.70 4.91
N ALA A 280 1.46 11.65 3.62
CA ALA A 280 0.92 12.84 2.96
C ALA A 280 -0.33 13.35 3.66
N LEU A 281 -1.21 12.44 4.08
CA LEU A 281 -2.43 12.86 4.78
C LEU A 281 -2.11 13.54 6.11
N LEU A 282 -1.19 12.96 6.89
CA LEU A 282 -0.86 13.52 8.20
C LEU A 282 -0.19 14.88 8.08
N THR A 283 0.89 14.96 7.29
CA THR A 283 1.66 16.19 7.19
C THR A 283 0.79 17.35 6.70
N SER A 284 0.03 17.11 5.63
CA SER A 284 -0.78 18.17 5.04
C SER A 284 -1.88 18.64 5.98
N PHE A 285 -2.40 17.74 6.82
CA PHE A 285 -3.33 18.17 7.86
C PHE A 285 -2.66 19.11 8.85
N ILE A 286 -1.49 18.71 9.35
CA ILE A 286 -0.72 19.53 10.29
C ILE A 286 -0.51 20.93 9.73
N ASN A 287 -0.26 21.01 8.42
CA ASN A 287 -0.08 22.30 7.77
C ASN A 287 -1.32 23.18 7.93
N SER A 288 -2.45 22.73 7.38
CA SER A 288 -3.69 23.51 7.47
C SER A 288 -4.09 23.75 8.92
N ALA A 289 -3.83 22.78 9.80
CA ALA A 289 -4.14 22.97 11.21
C ALA A 289 -3.29 24.09 11.81
N THR A 290 -2.01 24.15 11.43
CA THR A 290 -1.14 25.20 11.94
C THR A 290 -1.62 26.58 11.50
N SER A 291 -2.03 26.70 10.23
CA SER A 291 -2.60 27.95 9.76
C SER A 291 -3.81 28.36 10.60
N PHE A 292 -4.68 27.40 10.89
CA PHE A 292 -5.85 27.68 11.72
C PHE A 292 -5.43 28.17 13.10
N ILE A 293 -4.55 27.43 13.77
CA ILE A 293 -4.05 27.86 15.08
C ILE A 293 -3.40 29.23 14.97
N ALA A 294 -2.50 29.40 14.00
CA ALA A 294 -1.80 30.68 13.83
C ALA A 294 -2.80 31.83 13.67
N GLY A 295 -3.90 31.57 12.95
CA GLY A 295 -4.91 32.60 12.78
C GLY A 295 -5.49 33.07 14.09
N PHE A 296 -5.68 32.16 15.04
CA PHE A 296 -6.10 32.55 16.38
C PHE A 296 -5.00 33.37 17.07
N VAL A 297 -3.75 32.98 16.87
CA VAL A 297 -2.63 33.71 17.48
C VAL A 297 -2.58 35.14 16.95
N ILE A 298 -2.87 35.33 15.66
CA ILE A 298 -2.79 36.64 15.07
C ILE A 298 -3.97 37.51 15.50
N PHE A 299 -5.19 37.02 15.28
CA PHE A 299 -6.37 37.86 15.50
C PHE A 299 -6.72 38.03 16.96
N SER A 300 -6.27 37.14 17.85
CA SER A 300 -6.37 37.42 19.27
C SER A 300 -5.68 38.74 19.60
N VAL A 301 -4.50 38.95 19.04
CA VAL A 301 -3.77 40.21 19.25
C VAL A 301 -4.41 41.32 18.42
N LEU A 302 -4.87 41.00 17.21
CA LEU A 302 -5.52 42.01 16.37
C LEU A 302 -6.73 42.60 17.06
N GLY A 303 -7.57 41.75 17.65
CA GLY A 303 -8.72 42.25 18.37
C GLY A 303 -8.34 43.07 19.60
N TYR A 304 -7.25 42.68 20.26
CA TYR A 304 -6.74 43.48 21.38
C TYR A 304 -6.39 44.89 20.95
N MET A 305 -5.99 45.07 19.69
CA MET A 305 -5.61 46.39 19.22
C MET A 305 -6.83 47.28 18.96
N ALA A 306 -7.89 46.73 18.38
CA ALA A 306 -9.09 47.51 18.12
C ALA A 306 -9.87 47.85 19.39
N HIS A 307 -9.57 47.18 20.49
CA HIS A 307 -10.32 47.37 21.74
C HIS A 307 -9.57 48.23 22.75
N THR A 308 -8.24 48.18 22.76
CA THR A 308 -7.47 48.96 23.73
C THR A 308 -6.60 50.03 23.08
N LEU A 309 -6.60 50.13 21.75
CA LEU A 309 -5.79 51.13 21.06
C LEU A 309 -6.57 51.97 20.06
N GLY A 310 -7.84 51.66 19.81
CA GLY A 310 -8.67 52.45 18.92
C GLY A 310 -8.16 52.48 17.50
N VAL A 311 -8.14 51.33 16.84
CA VAL A 311 -7.69 51.23 15.45
C VAL A 311 -8.75 50.46 14.67
N ARG A 312 -9.12 50.99 13.51
CA ARG A 312 -10.00 50.26 12.61
C ARG A 312 -9.28 48.99 12.15
N ILE A 313 -9.88 47.83 12.43
CA ILE A 313 -9.19 46.56 12.19
C ILE A 313 -8.82 46.41 10.72
N GLU A 314 -9.67 46.94 9.83
CA GLU A 314 -9.34 46.93 8.40
C GLU A 314 -8.03 47.66 8.10
N ASP A 315 -7.47 48.37 9.08
CA ASP A 315 -6.15 48.97 8.95
C ASP A 315 -5.06 48.14 9.62
N VAL A 316 -5.40 47.00 10.21
CA VAL A 316 -4.39 46.10 10.77
C VAL A 316 -4.56 44.66 10.32
N ALA A 317 -5.75 44.22 9.93
CA ALA A 317 -5.92 42.87 9.39
C ALA A 317 -5.35 42.83 7.97
N THR A 318 -4.04 42.59 7.86
CA THR A 318 -3.32 42.69 6.61
C THR A 318 -2.59 41.38 6.32
N GLU A 319 -1.91 41.34 5.19
CA GLU A 319 -1.22 40.15 4.72
C GLU A 319 0.23 40.46 4.43
N GLY A 320 1.07 39.41 4.43
CA GLY A 320 2.44 39.53 4.06
C GLY A 320 3.32 40.06 5.17
N PRO A 321 4.50 40.58 4.81
CA PRO A 321 5.43 41.08 5.83
C PRO A 321 4.90 42.27 6.62
N GLY A 322 3.87 42.95 6.13
CA GLY A 322 3.26 44.01 6.91
C GLY A 322 2.63 43.52 8.19
N LEU A 323 2.13 42.27 8.20
CA LEU A 323 1.52 41.72 9.39
C LEU A 323 2.58 41.32 10.41
N VAL A 324 3.61 40.59 9.97
CA VAL A 324 4.57 40.00 10.92
C VAL A 324 5.75 40.90 11.23
N PHE A 325 5.96 41.98 10.48
CA PHE A 325 7.08 42.88 10.74
C PHE A 325 6.66 44.27 11.21
N VAL A 326 5.37 44.61 11.16
CA VAL A 326 4.92 45.94 11.53
C VAL A 326 3.71 45.86 12.45
N VAL A 327 2.67 45.16 12.02
CA VAL A 327 1.40 45.19 12.73
C VAL A 327 1.49 44.44 14.06
N TYR A 328 1.92 43.18 14.00
CA TYR A 328 2.03 42.37 15.22
C TYR A 328 3.12 42.88 16.16
N PRO A 329 4.31 43.27 15.67
CA PRO A 329 5.32 43.82 16.60
C PRO A 329 4.90 45.12 17.25
N ALA A 330 3.94 45.85 16.68
CA ALA A 330 3.50 47.10 17.30
C ALA A 330 2.58 46.85 18.49
N ALA A 331 1.84 45.74 18.49
CA ALA A 331 0.91 45.44 19.58
C ALA A 331 1.63 44.88 20.79
N ILE A 332 2.58 43.96 20.58
CA ILE A 332 3.30 43.36 21.68
C ILE A 332 4.24 44.35 22.37
N ALA A 333 4.51 45.49 21.75
CA ALA A 333 5.21 46.56 22.44
C ALA A 333 4.35 47.16 23.55
N THR A 334 3.02 47.15 23.37
CA THR A 334 2.14 47.70 24.39
C THR A 334 2.03 46.78 25.59
N MET A 335 1.74 45.51 25.36
CA MET A 335 1.45 44.59 26.45
C MET A 335 2.70 44.35 27.30
N PRO A 336 2.54 44.15 28.60
CA PRO A 336 3.70 43.97 29.47
C PRO A 336 4.43 42.66 29.18
N ALA A 337 5.67 42.60 29.69
CA ALA A 337 6.62 41.53 29.35
C ALA A 337 6.94 41.54 27.86
N SER A 338 7.06 42.75 27.31
CA SER A 338 7.18 42.94 25.87
C SER A 338 8.39 42.21 25.30
N THR A 339 9.58 42.54 25.80
CA THR A 339 10.82 42.02 25.24
C THR A 339 10.84 40.49 25.15
N PHE A 340 10.03 39.80 25.95
CA PHE A 340 9.94 38.35 25.81
C PHE A 340 9.26 37.98 24.50
N TRP A 341 7.99 38.36 24.33
CA TRP A 341 7.23 37.97 23.15
C TRP A 341 7.96 38.34 21.86
N ALA A 342 8.54 39.55 21.83
CA ALA A 342 9.26 39.98 20.64
C ALA A 342 10.36 39.00 20.27
N LEU A 343 11.19 38.60 21.25
CA LEU A 343 12.30 37.72 20.96
C LEU A 343 11.84 36.35 20.52
N ILE A 344 10.75 35.85 21.09
CA ILE A 344 10.25 34.53 20.71
C ILE A 344 9.47 34.60 19.39
N PHE A 345 8.79 35.72 19.13
CA PHE A 345 8.02 35.85 17.89
C PHE A 345 8.92 35.87 16.68
N PHE A 346 10.03 36.61 16.76
CA PHE A 346 10.93 36.74 15.61
C PHE A 346 11.69 35.45 15.35
N MET A 347 12.10 34.75 16.41
CA MET A 347 12.75 33.46 16.19
C MET A 347 11.77 32.42 15.66
N MET A 348 10.49 32.54 16.04
CA MET A 348 9.46 31.73 15.39
C MET A 348 9.40 32.04 13.91
N LEU A 349 9.36 33.33 13.56
CA LEU A 349 9.41 33.72 12.15
C LEU A 349 10.67 33.21 11.48
N ALA A 350 11.77 33.10 12.23
CA ALA A 350 13.00 32.57 11.67
C ALA A 350 12.90 31.07 11.44
N THR A 351 12.46 30.33 12.47
CA THR A 351 12.31 28.89 12.33
C THR A 351 11.18 28.51 11.38
N LEU A 352 10.25 29.44 11.10
CA LEU A 352 9.24 29.17 10.08
C LEU A 352 9.82 29.24 8.68
N GLY A 353 10.79 30.12 8.45
CA GLY A 353 11.37 30.29 7.14
C GLY A 353 12.53 29.38 6.85
N LEU A 354 13.25 28.95 7.90
CA LEU A 354 14.48 28.20 7.70
C LEU A 354 14.20 26.78 7.20
N ASP A 355 13.37 26.03 7.94
CA ASP A 355 13.03 24.68 7.51
C ASP A 355 12.30 24.68 6.18
N SER A 356 11.53 25.74 5.90
CA SER A 356 10.92 25.87 4.58
C SER A 356 11.97 26.11 3.51
N SER A 357 13.00 26.90 3.84
CA SER A 357 14.07 27.18 2.89
C SER A 357 14.93 25.94 2.65
N PHE A 358 15.23 25.19 3.72
CA PHE A 358 16.04 23.98 3.59
C PHE A 358 15.52 23.08 2.48
N GLY A 359 14.21 22.84 2.46
CA GLY A 359 13.63 21.94 1.48
C GLY A 359 13.85 22.41 0.05
N GLY A 360 13.77 23.72 -0.17
CA GLY A 360 14.05 24.24 -1.50
C GLY A 360 15.49 23.98 -1.92
N MET A 361 16.44 24.35 -1.05
CA MET A 361 17.85 24.18 -1.38
C MET A 361 18.26 22.71 -1.36
N GLU A 362 17.62 21.89 -0.53
CA GLU A 362 17.90 20.46 -0.56
C GLU A 362 17.37 19.83 -1.85
N ALA A 363 16.24 20.36 -2.34
CA ALA A 363 15.71 19.87 -3.62
C ALA A 363 16.68 20.15 -4.76
N ILE A 364 17.45 21.24 -4.67
CA ILE A 364 18.43 21.55 -5.70
C ILE A 364 19.59 20.56 -5.65
N ILE A 365 20.18 20.39 -4.45
CA ILE A 365 21.30 19.48 -4.30
C ILE A 365 20.90 18.07 -4.69
N THR A 366 19.80 17.57 -4.11
CA THR A 366 19.35 16.21 -4.38
C THR A 366 18.99 16.01 -5.84
N ALA A 367 18.50 17.07 -6.51
CA ALA A 367 18.18 16.96 -7.92
C ALA A 367 19.38 16.52 -8.74
N LEU A 368 20.48 17.29 -8.66
CA LEU A 368 21.66 17.02 -9.46
C LEU A 368 22.66 16.09 -8.79
N SER A 369 22.56 15.87 -7.47
CA SER A 369 23.41 14.86 -6.85
C SER A 369 23.15 13.48 -7.44
N ASP A 370 21.92 13.25 -7.92
CA ASP A 370 21.56 12.00 -8.58
C ASP A 370 21.87 12.01 -10.07
N GLU A 371 21.89 13.20 -10.68
CA GLU A 371 22.14 13.34 -12.12
C GLU A 371 23.62 13.52 -12.43
N PHE A 372 24.35 14.22 -11.56
CA PHE A 372 25.77 14.53 -11.79
C PHE A 372 26.57 13.83 -10.70
N PRO A 373 27.15 12.66 -10.99
CA PRO A 373 27.87 11.92 -9.95
C PRO A 373 29.11 12.65 -9.43
N LYS A 374 29.61 13.65 -10.15
CA LYS A 374 30.66 14.49 -9.61
C LYS A 374 30.20 15.24 -8.37
N ILE A 375 28.90 15.57 -8.31
CA ILE A 375 28.39 16.36 -7.19
C ILE A 375 28.40 15.55 -5.90
N LYS A 376 27.74 14.39 -5.92
CA LYS A 376 27.58 13.59 -4.69
C LYS A 376 28.94 13.20 -4.11
N ARG A 377 29.97 13.12 -4.94
CA ARG A 377 31.29 12.72 -4.46
C ARG A 377 31.82 13.72 -3.43
N ASN A 378 31.72 15.01 -3.73
CA ASN A 378 32.16 16.09 -2.83
C ASN A 378 31.06 17.14 -2.77
N ARG A 379 30.12 16.96 -1.84
CA ARG A 379 28.95 17.81 -1.73
C ARG A 379 29.17 18.99 -0.78
N GLU A 380 29.92 18.76 0.30
CA GLU A 380 30.20 19.83 1.26
C GLU A 380 30.83 21.03 0.57
N LEU A 381 31.73 20.78 -0.37
CA LEU A 381 32.38 21.83 -1.13
C LEU A 381 31.63 22.16 -2.43
N PHE A 382 30.40 21.67 -2.59
CA PHE A 382 29.52 22.18 -3.63
C PHE A 382 28.66 23.32 -3.11
N VAL A 383 27.92 23.07 -2.03
CA VAL A 383 26.94 24.04 -1.54
C VAL A 383 27.62 25.30 -1.02
N ALA A 384 28.86 25.17 -0.51
CA ALA A 384 29.60 26.37 -0.12
C ALA A 384 29.76 27.32 -1.29
N GLY A 385 29.85 26.79 -2.51
CA GLY A 385 29.83 27.65 -3.69
C GLY A 385 28.44 28.15 -4.02
N LEU A 386 27.44 27.27 -3.93
CA LEU A 386 26.08 27.66 -4.25
C LEU A 386 25.57 28.74 -3.30
N PHE A 387 25.89 28.62 -2.01
CA PHE A 387 25.38 29.58 -1.03
C PHE A 387 26.15 30.90 -1.08
N SER A 388 27.46 30.84 -1.31
CA SER A 388 28.20 32.08 -1.58
C SER A 388 27.67 32.77 -2.83
N LEU A 389 27.26 31.99 -3.83
CA LEU A 389 26.53 32.54 -4.97
C LEU A 389 25.20 33.14 -4.52
N TYR A 390 24.47 32.41 -3.66
CA TYR A 390 23.25 32.95 -3.06
C TYR A 390 23.54 34.18 -2.21
N PHE A 391 24.70 34.21 -1.55
CA PHE A 391 25.02 35.31 -0.65
C PHE A 391 25.41 36.57 -1.42
N VAL A 392 26.34 36.44 -2.38
CA VAL A 392 26.83 37.61 -3.12
C VAL A 392 25.68 38.35 -3.77
N VAL A 393 24.88 37.63 -4.56
CA VAL A 393 23.67 38.23 -5.13
C VAL A 393 22.75 38.73 -4.02
N GLY A 394 22.70 37.99 -2.91
CA GLY A 394 21.91 38.39 -1.76
C GLY A 394 22.36 39.69 -1.12
N LEU A 395 23.55 40.19 -1.47
CA LEU A 395 23.93 41.53 -1.06
C LEU A 395 23.07 42.60 -1.72
N ALA A 396 22.52 42.30 -2.90
CA ALA A 396 21.54 43.22 -3.51
C ALA A 396 20.31 43.35 -2.63
N SER A 397 19.86 42.25 -2.03
CA SER A 397 18.73 42.27 -1.11
C SER A 397 19.09 42.87 0.24
N CYS A 398 20.31 43.36 0.39
CA CYS A 398 20.74 44.02 1.62
C CYS A 398 21.06 45.50 1.39
N THR A 399 20.81 46.02 0.19
CA THR A 399 21.06 47.41 -0.13
C THR A 399 19.86 48.27 0.27
N GLN A 400 20.06 49.59 0.20
CA GLN A 400 19.03 50.53 0.64
C GLN A 400 17.70 50.27 -0.08
N GLY A 401 17.75 50.14 -1.40
CA GLY A 401 16.57 49.82 -2.16
C GLY A 401 16.38 48.34 -2.37
N GLY A 402 16.88 47.54 -1.42
CA GLY A 402 16.87 46.10 -1.58
C GLY A 402 15.49 45.48 -1.64
N PHE A 403 14.51 46.07 -0.94
CA PHE A 403 13.16 45.50 -0.98
C PHE A 403 12.59 45.51 -2.38
N TYR A 404 12.82 46.61 -3.12
CA TYR A 404 12.35 46.69 -4.50
C TYR A 404 12.79 45.49 -5.33
N PHE A 405 13.97 44.95 -5.02
CA PHE A 405 14.50 43.77 -5.70
C PHE A 405 13.82 42.50 -5.17
N PHE A 406 13.57 42.44 -3.87
CA PHE A 406 12.81 41.34 -3.28
C PHE A 406 11.43 41.24 -3.92
N HIS A 407 10.70 42.37 -3.97
CA HIS A 407 9.32 42.36 -4.43
C HIS A 407 9.19 41.91 -5.88
N LEU A 408 10.21 42.16 -6.70
CA LEU A 408 10.17 41.73 -8.09
C LEU A 408 10.12 40.21 -8.19
N LEU A 409 11.08 39.53 -7.56
CA LEU A 409 11.16 38.07 -7.65
C LEU A 409 9.99 37.38 -6.98
N ASP A 410 9.42 37.99 -5.93
CA ASP A 410 8.24 37.41 -5.29
C ASP A 410 7.06 37.36 -6.25
N ARG A 411 6.93 38.38 -7.10
CA ARG A 411 5.84 38.44 -8.07
C ARG A 411 6.15 37.69 -9.36
N TYR A 412 7.42 37.54 -9.74
CA TYR A 412 7.82 36.97 -11.04
C TYR A 412 8.58 35.66 -10.96
N ALA A 413 9.62 35.59 -10.12
CA ALA A 413 10.63 34.54 -10.21
C ALA A 413 10.06 33.13 -10.15
N ALA A 414 9.06 32.94 -9.28
CA ALA A 414 8.35 31.64 -9.16
C ALA A 414 6.81 31.81 -9.13
N GLY A 415 6.28 33.00 -9.41
CA GLY A 415 4.82 33.26 -9.34
C GLY A 415 3.94 32.48 -10.31
N TYR A 416 4.33 32.41 -11.59
CA TYR A 416 3.62 31.71 -12.64
C TYR A 416 4.39 30.50 -13.16
N SER A 417 5.72 30.54 -13.08
CA SER A 417 6.57 29.47 -13.56
C SER A 417 6.16 28.15 -12.93
N ILE A 418 6.23 28.07 -11.61
CA ILE A 418 5.92 26.83 -10.90
C ILE A 418 4.46 26.45 -11.05
N LEU A 419 3.60 27.38 -11.47
CA LEU A 419 2.20 27.03 -11.72
C LEU A 419 2.07 26.19 -12.98
N VAL A 420 2.66 26.62 -14.09
CA VAL A 420 2.62 25.84 -15.33
C VAL A 420 3.62 24.71 -15.31
N ALA A 421 4.66 24.78 -14.47
CA ALA A 421 5.56 23.65 -14.28
C ALA A 421 4.80 22.46 -13.72
N VAL A 422 4.12 22.66 -12.58
CA VAL A 422 3.34 21.58 -11.98
C VAL A 422 2.24 21.13 -12.92
N PHE A 423 1.66 22.06 -13.68
CA PHE A 423 0.60 21.68 -14.61
C PHE A 423 1.08 20.67 -15.64
N PHE A 424 2.36 20.72 -16.01
CA PHE A 424 2.90 19.70 -16.89
C PHE A 424 3.26 18.44 -16.13
N GLU A 425 3.63 18.57 -14.85
CA GLU A 425 3.84 17.40 -14.01
C GLU A 425 2.57 16.57 -13.90
N ALA A 426 1.41 17.24 -13.79
CA ALA A 426 0.15 16.52 -13.64
C ALA A 426 -0.25 15.84 -14.94
N ILE A 427 -0.04 16.49 -16.08
CA ILE A 427 -0.38 15.88 -17.35
C ILE A 427 0.65 14.81 -17.73
N ALA A 428 1.92 15.00 -17.36
CA ALA A 428 2.93 14.00 -17.66
C ALA A 428 2.71 12.70 -16.90
N VAL A 429 1.86 12.70 -15.88
CA VAL A 429 1.60 11.53 -15.05
C VAL A 429 0.23 10.93 -15.35
N SER A 430 -0.81 11.77 -15.43
CA SER A 430 -2.17 11.29 -15.61
C SER A 430 -2.46 10.83 -17.04
N TRP A 431 -1.58 11.11 -18.00
CA TRP A 431 -1.87 10.76 -19.39
C TRP A 431 -0.68 10.13 -20.09
N ILE A 432 0.50 10.78 -19.99
CA ILE A 432 1.75 10.15 -20.54
C ILE A 432 2.23 8.99 -19.65
N TYR A 433 2.40 9.18 -18.34
CA TYR A 433 2.87 8.10 -17.42
C TYR A 433 1.75 7.06 -17.23
N GLY A 434 0.57 7.61 -16.91
CA GLY A 434 -0.72 6.97 -16.82
C GLY A 434 -1.13 6.59 -15.42
N THR A 435 -2.42 6.74 -15.11
CA THR A 435 -2.92 6.34 -13.80
C THR A 435 -2.74 4.84 -13.58
N ASN A 436 -3.04 4.05 -14.62
CA ASN A 436 -2.84 2.60 -14.52
C ASN A 436 -1.38 2.27 -14.25
N ARG A 437 -0.47 2.90 -15.00
CA ARG A 437 0.95 2.70 -14.73
C ARG A 437 1.33 3.17 -13.34
N PHE A 438 0.73 4.27 -12.88
CA PHE A 438 1.11 4.87 -11.61
C PHE A 438 0.48 4.18 -10.41
N SER A 439 -0.73 3.64 -10.56
CA SER A 439 -1.42 3.05 -9.41
C SER A 439 -0.66 1.85 -8.86
N GLU A 440 -0.22 0.95 -9.74
CA GLU A 440 0.44 -0.25 -9.26
C GLU A 440 1.82 0.03 -8.68
N ASP A 441 2.45 1.14 -9.09
CA ASP A 441 3.66 1.59 -8.40
C ASP A 441 3.38 1.79 -6.92
N ILE A 442 2.31 2.52 -6.61
CA ILE A 442 1.94 2.78 -5.23
C ILE A 442 1.50 1.48 -4.54
N ARG A 443 0.75 0.66 -5.27
CA ARG A 443 0.34 -0.65 -4.74
C ARG A 443 1.56 -1.48 -4.34
N ASP A 444 2.65 -1.37 -5.11
CA ASP A 444 3.82 -2.18 -4.81
C ASP A 444 4.39 -1.85 -3.44
N MET A 445 4.48 -0.57 -3.09
CA MET A 445 5.09 -0.20 -1.82
C MET A 445 4.07 -0.23 -0.68
N ILE A 446 3.04 0.62 -0.75
CA ILE A 446 2.11 0.73 0.38
C ILE A 446 1.11 -0.42 0.46
N GLY A 447 1.05 -1.27 -0.57
CA GLY A 447 0.30 -2.50 -0.51
C GLY A 447 -1.06 -2.46 -1.19
N PHE A 448 -1.61 -1.28 -1.41
CA PHE A 448 -2.93 -1.15 -1.99
C PHE A 448 -2.89 -0.02 -3.03
N PRO A 449 -3.80 -0.06 -4.01
CA PRO A 449 -3.79 0.97 -5.04
C PRO A 449 -4.56 2.19 -4.59
N PRO A 450 -4.20 3.37 -5.10
CA PRO A 450 -4.99 4.57 -4.81
C PRO A 450 -6.43 4.41 -5.26
N GLY A 451 -7.35 4.79 -4.38
CA GLY A 451 -8.76 4.68 -4.69
C GLY A 451 -9.13 5.49 -5.92
N ARG A 452 -10.36 5.24 -6.40
CA ARG A 452 -10.86 5.95 -7.57
C ARG A 452 -10.91 7.46 -7.34
N TYR A 453 -11.01 7.91 -6.08
CA TYR A 453 -11.04 9.34 -5.81
C TYR A 453 -9.75 10.01 -6.23
N TRP A 454 -8.61 9.48 -5.78
CA TRP A 454 -7.33 10.10 -6.12
C TRP A 454 -7.07 10.01 -7.62
N GLN A 455 -7.64 9.02 -8.30
CA GLN A 455 -7.48 8.92 -9.75
C GLN A 455 -8.24 10.04 -10.46
N VAL A 456 -9.53 10.19 -10.16
CA VAL A 456 -10.32 11.24 -10.79
C VAL A 456 -9.75 12.61 -10.46
N CYS A 457 -9.25 12.79 -9.24
CA CYS A 457 -8.63 14.06 -8.87
C CYS A 457 -7.36 14.30 -9.69
N TRP A 458 -6.52 13.27 -9.82
CA TRP A 458 -5.30 13.41 -10.59
C TRP A 458 -5.55 13.60 -12.08
N ARG A 459 -6.70 13.19 -12.59
CA ARG A 459 -6.96 13.16 -14.03
C ARG A 459 -7.77 14.34 -14.54
N PHE A 460 -8.83 14.72 -13.84
CA PHE A 460 -9.72 15.79 -14.28
C PHE A 460 -9.66 17.04 -13.40
N VAL A 461 -9.79 16.88 -12.09
CA VAL A 461 -9.97 18.04 -11.21
C VAL A 461 -8.67 18.84 -11.10
N ALA A 462 -7.58 18.17 -10.73
CA ALA A 462 -6.32 18.87 -10.49
C ALA A 462 -5.83 19.72 -11.66
N PRO A 463 -5.89 19.27 -12.92
CA PRO A 463 -5.46 20.16 -14.01
C PRO A 463 -6.31 21.41 -14.14
N ILE A 464 -7.64 21.28 -14.11
CA ILE A 464 -8.48 22.47 -14.22
C ILE A 464 -8.34 23.33 -12.97
N PHE A 465 -8.09 22.71 -11.82
CA PHE A 465 -7.78 23.45 -10.60
C PHE A 465 -6.56 24.34 -10.80
N LEU A 466 -5.59 23.87 -11.59
CA LEU A 466 -4.41 24.66 -11.86
C LEU A 466 -4.71 25.77 -12.86
N LEU A 467 -5.39 25.43 -13.95
CA LEU A 467 -5.82 26.45 -14.90
C LEU A 467 -6.79 27.43 -14.24
N PHE A 468 -7.62 26.93 -13.32
CA PHE A 468 -8.47 27.80 -12.50
C PHE A 468 -7.66 28.93 -11.88
N ILE A 469 -6.43 28.64 -11.49
CA ILE A 469 -5.56 29.68 -10.94
C ILE A 469 -4.91 30.48 -12.07
N THR A 470 -4.20 29.79 -12.97
CA THR A 470 -3.38 30.46 -13.97
C THR A 470 -4.22 31.38 -14.87
N VAL A 471 -5.46 30.99 -15.16
CA VAL A 471 -6.35 31.87 -15.91
C VAL A 471 -6.57 33.17 -15.14
N TYR A 472 -7.01 33.06 -13.88
CA TYR A 472 -7.26 34.24 -13.08
C TYR A 472 -5.96 34.98 -12.75
N GLY A 473 -4.84 34.26 -12.64
CA GLY A 473 -3.59 34.93 -12.34
C GLY A 473 -3.20 35.93 -13.42
N LEU A 474 -3.40 35.57 -14.67
CA LEU A 474 -2.98 36.42 -15.77
C LEU A 474 -3.92 37.62 -15.95
N ILE A 475 -5.22 37.38 -15.90
CA ILE A 475 -6.15 38.51 -16.02
C ILE A 475 -5.94 39.51 -14.89
N GLY A 476 -5.56 39.03 -13.71
CA GLY A 476 -5.22 39.88 -12.60
C GLY A 476 -3.83 40.48 -12.65
N TYR A 477 -3.10 40.24 -13.74
CA TYR A 477 -1.77 40.82 -13.89
C TYR A 477 -1.88 42.28 -14.29
N GLU A 478 -1.24 43.13 -13.51
CA GLU A 478 -0.97 44.51 -13.85
C GLU A 478 0.54 44.73 -13.78
N PRO A 479 1.05 45.78 -14.43
CA PRO A 479 2.49 46.08 -14.29
C PRO A 479 2.88 46.23 -12.83
N LEU A 480 4.03 45.68 -12.48
CA LEU A 480 4.42 45.59 -11.08
C LEU A 480 4.62 46.98 -10.48
N THR A 481 4.00 47.22 -9.32
CA THR A 481 4.15 48.46 -8.59
C THR A 481 4.31 48.16 -7.10
N TYR A 482 4.76 49.17 -6.36
CA TYR A 482 4.75 49.11 -4.90
C TYR A 482 4.59 50.52 -4.37
N ALA A 483 3.52 50.74 -3.60
CA ALA A 483 3.18 52.06 -3.07
C ALA A 483 2.98 53.01 -4.25
N ASP A 484 3.68 54.13 -4.32
CA ASP A 484 3.58 55.04 -5.46
C ASP A 484 4.73 54.85 -6.45
N TYR A 485 5.33 53.67 -6.47
CA TYR A 485 6.42 53.34 -7.39
C TYR A 485 5.91 52.38 -8.45
N VAL A 486 5.97 52.80 -9.71
CA VAL A 486 5.66 51.95 -10.85
C VAL A 486 6.97 51.45 -11.43
N TYR A 487 7.17 50.14 -11.41
CA TYR A 487 8.39 49.58 -11.98
C TYR A 487 8.47 49.91 -13.46
N PRO A 488 9.65 50.25 -13.97
CA PRO A 488 9.78 50.65 -15.38
C PRO A 488 9.34 49.54 -16.32
N SER A 489 9.23 49.91 -17.60
CA SER A 489 8.77 48.97 -18.62
C SER A 489 9.68 47.75 -18.70
N TRP A 490 11.00 47.97 -18.58
CA TRP A 490 11.95 46.86 -18.66
C TRP A 490 11.97 46.03 -17.39
N ALA A 491 11.62 46.63 -16.25
CA ALA A 491 11.58 45.87 -14.99
C ALA A 491 10.58 44.72 -15.10
N ASN A 492 9.37 45.01 -15.57
CA ASN A 492 8.41 43.96 -15.87
C ASN A 492 9.01 42.94 -16.82
N ALA A 493 9.72 43.41 -17.84
CA ALA A 493 10.24 42.51 -18.87
C ALA A 493 11.25 41.53 -18.30
N LEU A 494 12.22 42.02 -17.52
CA LEU A 494 13.23 41.14 -16.93
C LEU A 494 12.58 40.05 -16.09
N GLY A 495 11.53 40.39 -15.35
CA GLY A 495 10.85 39.39 -14.54
C GLY A 495 10.25 38.27 -15.39
N TRP A 496 9.61 38.63 -16.50
CA TRP A 496 9.08 37.62 -17.41
C TRP A 496 10.18 36.73 -17.95
N CYS A 497 11.39 37.28 -18.13
CA CYS A 497 12.53 36.45 -18.50
C CYS A 497 12.90 35.51 -17.35
N ILE A 498 12.94 36.04 -16.12
CA ILE A 498 13.20 35.20 -14.95
C ILE A 498 12.18 34.08 -14.87
N ALA A 499 10.90 34.43 -15.02
CA ALA A 499 9.85 33.42 -14.98
C ALA A 499 9.91 32.49 -16.19
N GLY A 500 10.13 33.06 -17.38
CA GLY A 500 10.19 32.24 -18.58
C GLY A 500 11.44 31.37 -18.66
N SER A 501 12.53 31.80 -18.01
CA SER A 501 13.78 31.05 -18.07
C SER A 501 13.64 29.62 -17.58
N SER A 502 12.58 29.32 -16.82
CA SER A 502 12.34 27.95 -16.39
C SER A 502 11.43 27.21 -17.37
N VAL A 503 10.25 27.78 -17.64
CA VAL A 503 9.28 27.13 -18.52
C VAL A 503 9.86 26.92 -19.92
N VAL A 504 10.71 27.84 -20.38
CA VAL A 504 11.29 27.71 -21.72
C VAL A 504 12.08 26.41 -21.83
N MET A 505 12.67 25.94 -20.73
CA MET A 505 13.44 24.70 -20.76
C MET A 505 12.56 23.46 -20.81
N ILE A 506 11.24 23.60 -20.81
CA ILE A 506 10.37 22.44 -20.93
C ILE A 506 10.31 22.04 -22.40
N PRO A 507 9.97 22.92 -23.34
CA PRO A 507 10.06 22.51 -24.75
C PRO A 507 11.49 22.48 -25.25
N ALA A 508 12.40 23.27 -24.66
CA ALA A 508 13.79 23.29 -25.09
C ALA A 508 14.50 21.96 -24.86
N VAL A 509 13.87 21.02 -24.17
CA VAL A 509 14.31 19.64 -24.13
C VAL A 509 13.37 18.74 -24.90
N ALA A 510 12.08 19.05 -24.89
CA ALA A 510 11.11 18.32 -25.71
C ALA A 510 11.44 18.44 -27.19
N ILE A 511 12.26 19.40 -27.58
CA ILE A 511 12.74 19.52 -28.95
C ILE A 511 14.20 19.09 -29.08
N PHE A 512 15.02 19.34 -28.06
CA PHE A 512 16.40 18.87 -28.10
C PHE A 512 16.46 17.36 -28.19
N LYS A 513 15.78 16.66 -27.28
CA LYS A 513 15.78 15.20 -27.32
C LYS A 513 14.97 14.67 -28.49
N LEU A 514 13.91 15.40 -28.90
CA LEU A 514 13.11 14.96 -30.04
C LEU A 514 13.93 14.88 -31.31
N LEU A 515 14.95 15.72 -31.45
CA LEU A 515 15.83 15.67 -32.61
C LEU A 515 17.14 14.95 -32.33
N SER A 516 17.43 14.60 -31.08
CA SER A 516 18.65 13.90 -30.74
C SER A 516 18.46 12.40 -30.62
N THR A 517 17.23 11.89 -30.79
CA THR A 517 17.00 10.46 -30.86
C THR A 517 16.65 10.05 -32.29
N PRO A 518 17.15 8.91 -32.76
CA PRO A 518 16.95 8.53 -34.16
C PRO A 518 15.57 7.93 -34.40
N GLY A 519 15.28 7.71 -35.67
CA GLY A 519 14.07 7.00 -36.07
C GLY A 519 13.01 7.91 -36.64
N SER A 520 11.86 7.29 -36.92
CA SER A 520 10.69 7.99 -37.43
C SER A 520 10.16 8.97 -36.38
N LEU A 521 9.13 9.72 -36.76
CA LEU A 521 8.46 10.59 -35.79
C LEU A 521 7.69 9.75 -34.77
N ARG A 522 6.75 8.92 -35.23
CA ARG A 522 5.98 8.08 -34.33
C ARG A 522 6.89 7.16 -33.52
N GLN A 523 7.97 6.68 -34.14
CA GLN A 523 8.96 5.90 -33.39
C GLN A 523 9.64 6.77 -32.34
N ARG A 524 9.93 8.02 -32.67
CA ARG A 524 10.57 8.92 -31.70
C ARG A 524 9.61 9.29 -30.58
N PHE A 525 8.35 9.60 -30.92
CA PHE A 525 7.36 9.87 -29.89
C PHE A 525 7.11 8.66 -29.01
N THR A 526 7.22 7.45 -29.58
CA THR A 526 7.04 6.24 -28.79
C THR A 526 8.31 5.86 -28.03
N ILE A 527 9.49 6.12 -28.60
CA ILE A 527 10.74 5.85 -27.90
C ILE A 527 11.02 6.88 -26.82
N LEU A 528 10.29 7.99 -26.79
CA LEU A 528 10.51 9.05 -25.81
C LEU A 528 9.44 9.10 -24.73
N THR A 529 8.44 8.22 -24.78
CA THR A 529 7.46 8.08 -23.72
C THR A 529 7.60 6.74 -22.99
N THR A 530 8.80 6.16 -23.03
CA THR A 530 9.09 4.90 -22.37
C THR A 530 10.00 5.13 -21.18
N PRO A 531 9.61 4.68 -19.99
CA PRO A 531 10.38 5.01 -18.77
C PRO A 531 11.74 4.35 -18.69
N TRP A 532 12.37 4.45 -17.52
CA TRP A 532 13.74 3.96 -17.32
C TRP A 532 13.81 2.49 -16.97
N ARG A 533 12.95 2.03 -16.05
CA ARG A 533 12.99 0.63 -15.63
C ARG A 533 12.81 -0.31 -16.82
N ASP A 534 11.94 0.07 -17.75
CA ASP A 534 11.57 -0.79 -18.86
C ASP A 534 12.62 -0.76 -19.97
N GLU B 1 12.82 -17.11 4.74
CA GLU B 1 11.39 -17.38 4.56
C GLU B 1 10.67 -17.52 5.90
N ASN B 2 9.60 -16.74 6.05
CA ASN B 2 8.86 -16.66 7.31
C ASN B 2 7.73 -17.68 7.29
N VAL B 3 7.84 -18.71 8.12
CA VAL B 3 6.91 -19.85 8.10
C VAL B 3 5.88 -19.69 9.21
N LEU B 4 4.62 -19.88 8.86
CA LEU B 4 3.52 -19.86 9.81
C LEU B 4 3.17 -21.29 10.20
N THR B 5 2.97 -21.51 11.49
CA THR B 5 2.72 -22.84 12.04
C THR B 5 1.37 -22.83 12.75
N GLN B 6 0.38 -23.51 12.18
CA GLN B 6 -0.95 -23.57 12.77
C GLN B 6 -1.05 -24.74 13.74
N SER B 7 -1.95 -24.58 14.73
CA SER B 7 -2.18 -25.60 15.73
C SER B 7 -3.58 -25.42 16.29
N PRO B 8 -4.34 -26.49 16.51
CA PRO B 8 -3.93 -27.87 16.23
C PRO B 8 -4.14 -28.25 14.77
N ALA B 9 -3.51 -29.33 14.33
CA ALA B 9 -3.72 -29.79 12.95
C ALA B 9 -5.15 -30.26 12.77
N ILE B 10 -5.59 -31.20 13.61
CA ILE B 10 -6.97 -31.66 13.63
C ILE B 10 -7.62 -31.19 14.93
N MET B 11 -8.79 -30.57 14.81
CA MET B 11 -9.55 -30.10 15.96
C MET B 11 -10.89 -30.80 15.95
N SER B 12 -11.12 -31.64 16.95
CA SER B 12 -12.39 -32.37 17.07
C SER B 12 -13.31 -31.56 17.98
N THR B 13 -14.41 -31.07 17.42
CA THR B 13 -15.37 -30.29 18.17
C THR B 13 -16.78 -30.60 17.68
N SER B 14 -17.72 -30.50 18.59
CA SER B 14 -19.14 -30.64 18.34
C SER B 14 -19.80 -29.27 18.21
N PRO B 15 -20.91 -29.17 17.49
CA PRO B 15 -21.59 -27.87 17.35
C PRO B 15 -22.02 -27.33 18.70
N GLY B 16 -21.60 -26.11 18.99
CA GLY B 16 -21.88 -25.44 20.25
C GLY B 16 -20.64 -25.07 21.04
N GLU B 17 -19.51 -25.72 20.79
CA GLU B 17 -18.29 -25.40 21.51
C GLU B 17 -17.76 -24.02 21.13
N LYS B 18 -16.99 -23.43 22.03
CA LYS B 18 -16.10 -22.34 21.70
C LYS B 18 -14.75 -22.93 21.31
N VAL B 19 -14.35 -22.73 20.06
CA VAL B 19 -13.10 -23.26 19.55
C VAL B 19 -12.19 -22.10 19.17
N THR B 20 -10.89 -22.27 19.43
CA THR B 20 -9.89 -21.28 19.08
C THR B 20 -8.68 -22.00 18.51
N MET B 21 -8.27 -21.61 17.31
CA MET B 21 -7.08 -22.13 16.66
C MET B 21 -6.06 -21.01 16.51
N THR B 22 -4.79 -21.36 16.58
CA THR B 22 -3.72 -20.38 16.56
C THR B 22 -2.94 -20.45 15.25
N CYS B 23 -2.06 -19.46 15.07
CA CYS B 23 -1.19 -19.38 13.89
C CYS B 23 0.07 -18.61 14.31
N ARG B 24 1.03 -19.34 14.87
CA ARG B 24 2.31 -18.75 15.26
C ARG B 24 3.16 -18.50 14.01
N ALA B 25 4.13 -17.59 14.15
CA ALA B 25 4.92 -17.13 13.02
C ALA B 25 6.41 -17.19 13.33
N SER B 26 7.20 -17.36 12.27
CA SER B 26 8.66 -17.32 12.40
C SER B 26 9.16 -15.89 12.57
N SER B 27 8.44 -14.92 12.02
CA SER B 27 8.85 -13.52 12.08
C SER B 27 7.60 -12.65 12.18
N SER B 28 7.77 -11.49 12.81
CA SER B 28 6.64 -10.61 13.09
C SER B 28 5.96 -10.15 11.81
N VAL B 29 4.65 -9.96 11.89
CA VAL B 29 3.81 -9.69 10.74
C VAL B 29 2.89 -8.51 11.05
N GLY B 30 2.73 -7.61 10.09
CA GLY B 30 1.86 -6.46 10.30
C GLY B 30 0.41 -6.87 10.53
N SER B 31 -0.23 -6.19 11.48
CA SER B 31 -1.61 -6.51 11.85
C SER B 31 -2.59 -6.38 10.70
N SER B 32 -2.19 -5.75 9.59
CA SER B 32 -3.08 -5.57 8.45
C SER B 32 -2.83 -6.57 7.33
N TYR B 33 -1.75 -7.34 7.40
CA TYR B 33 -1.35 -8.23 6.32
C TYR B 33 -1.59 -9.71 6.64
N LEU B 34 -2.26 -10.04 7.74
CA LEU B 34 -2.54 -11.44 8.07
C LEU B 34 -3.98 -11.77 7.74
N HIS B 35 -4.18 -12.89 7.05
CA HIS B 35 -5.50 -13.28 6.57
C HIS B 35 -5.76 -14.75 6.91
N TRP B 36 -7.04 -15.11 6.86
CA TRP B 36 -7.47 -16.49 7.12
C TRP B 36 -8.36 -16.96 5.98
N TYR B 37 -8.26 -18.25 5.65
CA TYR B 37 -9.01 -18.85 4.56
C TYR B 37 -9.64 -20.15 5.03
N GLN B 38 -10.89 -20.36 4.64
CA GLN B 38 -11.61 -21.60 4.93
C GLN B 38 -11.73 -22.41 3.65
N GLN B 39 -11.35 -23.69 3.72
CA GLN B 39 -11.37 -24.57 2.56
C GLN B 39 -12.20 -25.81 2.90
N LYS B 40 -13.41 -25.87 2.36
CA LYS B 40 -14.23 -27.06 2.51
C LYS B 40 -13.69 -28.20 1.66
N SER B 41 -14.18 -29.40 1.93
CA SER B 41 -13.72 -30.57 1.20
C SER B 41 -14.14 -30.49 -0.26
N GLY B 42 -13.19 -30.77 -1.16
CA GLY B 42 -13.49 -30.78 -2.59
C GLY B 42 -13.85 -29.42 -3.15
N ALA B 43 -13.31 -28.34 -2.57
CA ALA B 43 -13.62 -27.00 -3.03
C ALA B 43 -12.38 -26.13 -2.88
N SER B 44 -12.39 -25.00 -3.59
CA SER B 44 -11.33 -24.02 -3.52
C SER B 44 -11.49 -23.16 -2.27
N PRO B 45 -10.39 -22.60 -1.76
CA PRO B 45 -10.45 -21.77 -0.55
C PRO B 45 -11.34 -20.56 -0.74
N LYS B 46 -11.53 -19.85 0.37
CA LYS B 46 -12.33 -18.63 0.39
C LYS B 46 -11.77 -17.70 1.46
N LEU B 47 -11.65 -16.42 1.12
CA LEU B 47 -11.17 -15.43 2.08
C LEU B 47 -12.13 -15.31 3.25
N TRP B 48 -11.69 -15.73 4.43
CA TRP B 48 -12.54 -15.71 5.62
C TRP B 48 -12.34 -14.46 6.46
N ILE B 49 -11.09 -14.10 6.75
CA ILE B 49 -10.77 -12.94 7.57
C ILE B 49 -9.55 -12.25 6.99
N TYR B 50 -9.64 -10.95 6.77
CA TYR B 50 -8.51 -10.17 6.29
C TYR B 50 -8.09 -9.15 7.34
N SER B 51 -6.81 -8.78 7.30
CA SER B 51 -6.20 -7.85 8.26
C SER B 51 -6.56 -8.23 9.70
N THR B 52 -6.19 -9.47 10.05
CA THR B 52 -6.29 -10.03 11.40
C THR B 52 -7.73 -10.28 11.85
N SER B 53 -8.57 -9.25 11.81
CA SER B 53 -9.87 -9.29 12.47
C SER B 53 -11.07 -9.02 11.56
N ASN B 54 -10.88 -8.59 10.33
CA ASN B 54 -12.02 -8.14 9.51
C ASN B 54 -12.49 -9.29 8.62
N LEU B 55 -13.73 -9.71 8.82
CA LEU B 55 -14.26 -10.85 8.09
C LEU B 55 -14.92 -10.39 6.79
N ALA B 56 -14.90 -11.29 5.80
CA ALA B 56 -15.40 -11.00 4.47
C ALA B 56 -16.93 -11.13 4.45
N SER B 57 -17.51 -10.81 3.30
CA SER B 57 -18.95 -10.95 3.11
C SER B 57 -19.37 -12.41 3.28
N GLY B 58 -20.61 -12.60 3.72
CA GLY B 58 -21.15 -13.93 3.89
C GLY B 58 -20.65 -14.66 5.11
N VAL B 59 -19.46 -14.27 5.59
CA VAL B 59 -18.88 -14.87 6.78
C VAL B 59 -19.74 -14.53 7.99
N PRO B 60 -20.36 -15.52 8.64
CA PRO B 60 -21.23 -15.21 9.78
C PRO B 60 -20.46 -14.58 10.92
N ALA B 61 -21.17 -13.73 11.68
CA ALA B 61 -20.54 -12.96 12.75
C ALA B 61 -20.08 -13.83 13.92
N ARG B 62 -20.44 -15.12 13.94
CA ARG B 62 -19.89 -16.03 14.94
C ARG B 62 -18.39 -16.21 14.81
N PHE B 63 -17.79 -15.73 13.72
CA PHE B 63 -16.36 -15.80 13.52
C PHE B 63 -15.70 -14.51 13.98
N SER B 64 -14.47 -14.63 14.46
CA SER B 64 -13.74 -13.50 15.01
C SER B 64 -12.25 -13.76 14.88
N GLY B 65 -11.49 -12.68 14.68
CA GLY B 65 -10.05 -12.77 14.58
C GLY B 65 -9.38 -11.84 15.55
N SER B 66 -8.24 -12.29 16.08
CA SER B 66 -7.50 -11.54 17.09
C SER B 66 -6.03 -11.91 16.97
N GLY B 67 -5.23 -11.44 17.93
CA GLY B 67 -3.81 -11.66 17.92
C GLY B 67 -3.05 -10.60 17.14
N SER B 68 -1.73 -10.62 17.30
CA SER B 68 -0.84 -9.69 16.60
C SER B 68 0.59 -10.21 16.76
N GLY B 69 1.53 -9.43 16.22
CA GLY B 69 2.95 -9.74 16.34
C GLY B 69 3.35 -11.06 15.70
N THR B 70 3.67 -12.05 16.53
CA THR B 70 4.09 -13.37 16.05
C THR B 70 3.11 -14.47 16.44
N SER B 71 1.95 -14.11 16.99
CA SER B 71 0.98 -15.09 17.48
C SER B 71 -0.41 -14.57 17.22
N TYR B 72 -1.13 -15.19 16.29
CA TYR B 72 -2.50 -14.83 15.97
C TYR B 72 -3.40 -16.04 16.25
N SER B 73 -4.71 -15.79 16.22
CA SER B 73 -5.66 -16.85 16.51
C SER B 73 -6.95 -16.62 15.76
N LEU B 74 -7.66 -17.71 15.48
CA LEU B 74 -9.01 -17.68 14.92
C LEU B 74 -9.96 -18.31 15.93
N THR B 75 -11.09 -17.65 16.17
CA THR B 75 -12.03 -18.08 17.20
C THR B 75 -13.44 -18.10 16.62
N ILE B 76 -14.16 -19.19 16.89
CA ILE B 76 -15.59 -19.29 16.62
C ILE B 76 -16.31 -19.21 17.96
N SER B 77 -17.27 -18.29 18.06
CA SER B 77 -18.07 -18.16 19.28
C SER B 77 -18.77 -19.47 19.59
N SER B 78 -19.73 -19.86 18.74
CA SER B 78 -20.43 -21.13 18.84
C SER B 78 -20.28 -21.86 17.51
N VAL B 79 -19.62 -23.01 17.53
CA VAL B 79 -19.45 -23.80 16.32
C VAL B 79 -20.81 -24.23 15.77
N GLU B 80 -20.95 -24.16 14.46
CA GLU B 80 -22.04 -24.81 13.76
C GLU B 80 -21.49 -25.96 12.93
N ALA B 81 -22.35 -26.92 12.61
CA ALA B 81 -21.89 -28.11 11.88
C ALA B 81 -21.36 -27.75 10.50
N GLU B 82 -21.89 -26.70 9.89
CA GLU B 82 -21.40 -26.26 8.58
C GLU B 82 -19.98 -25.69 8.64
N ASP B 83 -19.46 -25.42 9.83
CA ASP B 83 -18.10 -24.92 9.99
C ASP B 83 -17.05 -26.01 9.87
N ALA B 84 -17.46 -27.27 9.64
CA ALA B 84 -16.51 -28.35 9.44
C ALA B 84 -15.73 -28.09 8.15
N ALA B 85 -14.48 -27.65 8.28
CA ALA B 85 -13.64 -27.29 7.15
C ALA B 85 -12.20 -27.22 7.63
N THR B 86 -11.31 -26.82 6.72
CA THR B 86 -9.90 -26.60 7.04
C THR B 86 -9.59 -25.11 6.91
N TYR B 87 -8.96 -24.55 7.94
CA TYR B 87 -8.75 -23.12 8.05
C TYR B 87 -7.26 -22.81 7.92
N TYR B 88 -6.92 -21.93 6.98
CA TYR B 88 -5.54 -21.59 6.66
C TYR B 88 -5.27 -20.12 6.99
N CYS B 89 -4.13 -19.84 7.59
CA CYS B 89 -3.66 -18.47 7.74
C CYS B 89 -2.60 -18.17 6.69
N GLN B 90 -2.56 -16.92 6.23
CA GLN B 90 -1.66 -16.50 5.17
C GLN B 90 -1.19 -15.08 5.49
N GLN B 91 0.02 -14.75 5.04
CA GLN B 91 0.63 -13.46 5.36
C GLN B 91 1.06 -12.73 4.09
N PHE B 92 0.87 -11.41 4.10
CA PHE B 92 1.27 -10.52 3.01
C PHE B 92 2.39 -9.56 3.43
N SER B 93 3.02 -9.79 4.59
CA SER B 93 4.03 -8.87 5.09
C SER B 93 5.19 -8.73 4.12
N GLY B 94 5.84 -9.84 3.80
CA GLY B 94 6.93 -9.83 2.85
C GLY B 94 6.92 -11.09 2.02
N TYR B 95 7.58 -11.01 0.86
CA TYR B 95 7.71 -12.14 -0.03
C TYR B 95 8.87 -13.04 0.40
N PRO B 96 8.77 -14.36 0.16
CA PRO B 96 7.68 -15.05 -0.52
C PRO B 96 6.47 -15.28 0.38
N LEU B 97 5.28 -15.16 -0.20
CA LEU B 97 4.05 -15.32 0.56
C LEU B 97 3.92 -16.74 1.08
N THR B 98 3.60 -16.89 2.35
CA THR B 98 3.48 -18.18 2.99
C THR B 98 2.09 -18.37 3.58
N PHE B 99 1.59 -19.60 3.51
CA PHE B 99 0.35 -19.99 4.15
C PHE B 99 0.64 -20.76 5.43
N GLY B 100 -0.41 -20.97 6.24
CA GLY B 100 -0.27 -21.69 7.48
C GLY B 100 -0.44 -23.20 7.32
N SER B 101 -0.01 -23.93 8.35
CA SER B 101 -0.10 -25.38 8.34
C SER B 101 -1.53 -25.89 8.30
N GLY B 102 -2.53 -25.02 8.47
CA GLY B 102 -3.91 -25.44 8.41
C GLY B 102 -4.42 -26.15 9.64
N THR B 103 -5.63 -25.80 10.06
CA THR B 103 -6.34 -26.50 11.12
C THR B 103 -7.60 -27.11 10.51
N LYS B 104 -7.72 -28.42 10.60
CA LYS B 104 -8.90 -29.11 10.09
C LYS B 104 -9.92 -29.27 11.21
N LEU B 105 -11.10 -28.70 11.01
CA LEU B 105 -12.19 -28.81 11.97
C LEU B 105 -13.00 -30.06 11.65
N GLU B 106 -13.07 -30.98 12.61
CA GLU B 106 -13.83 -32.21 12.43
C GLU B 106 -14.87 -32.33 13.54
N MET B 107 -16.02 -32.88 13.19
CA MET B 107 -17.14 -32.94 14.11
C MET B 107 -17.02 -34.14 15.04
N LYS B 108 -17.49 -33.97 16.27
CA LYS B 108 -17.49 -35.02 17.26
C LYS B 108 -18.82 -35.79 17.22
N ARG B 109 -18.74 -37.08 17.53
CA ARG B 109 -19.92 -37.94 17.60
C ARG B 109 -19.62 -39.12 18.50
N ALA B 110 -20.68 -39.84 18.88
CA ALA B 110 -20.54 -40.96 19.80
C ALA B 110 -19.77 -42.11 19.17
N ASP B 111 -18.97 -42.80 19.98
CA ASP B 111 -18.14 -43.91 19.50
C ASP B 111 -18.95 -44.94 18.74
N ALA B 112 -18.29 -45.72 17.89
CA ALA B 112 -18.97 -46.71 17.07
C ALA B 112 -18.01 -47.84 16.74
N ALA B 113 -18.58 -48.99 16.40
CA ALA B 113 -17.78 -50.17 16.13
C ALA B 113 -17.78 -50.49 14.64
N PRO B 114 -16.69 -51.05 14.12
CA PRO B 114 -16.65 -51.38 12.69
C PRO B 114 -17.50 -52.62 12.40
N THR B 115 -18.40 -52.47 11.43
CA THR B 115 -19.16 -53.60 10.89
C THR B 115 -18.27 -54.29 9.86
N VAL B 116 -17.39 -55.16 10.37
CA VAL B 116 -16.33 -55.74 9.56
C VAL B 116 -16.91 -56.81 8.64
N SER B 117 -16.32 -56.93 7.45
CA SER B 117 -16.76 -57.90 6.44
C SER B 117 -15.57 -58.24 5.55
N ILE B 118 -15.15 -59.50 5.57
CA ILE B 118 -13.99 -59.93 4.81
C ILE B 118 -14.44 -60.43 3.44
N PHE B 119 -13.53 -60.37 2.47
CA PHE B 119 -13.79 -60.79 1.11
C PHE B 119 -12.59 -61.58 0.60
N PRO B 120 -12.82 -62.74 -0.01
CA PRO B 120 -11.72 -63.49 -0.61
C PRO B 120 -11.27 -62.83 -1.90
N PRO B 121 -10.18 -63.30 -2.51
CA PRO B 121 -9.84 -62.85 -3.86
C PRO B 121 -10.97 -63.15 -4.84
N SER B 122 -10.95 -62.42 -5.94
CA SER B 122 -11.93 -62.61 -7.00
C SER B 122 -11.46 -63.68 -7.98
N SER B 123 -12.42 -64.42 -8.54
CA SER B 123 -12.09 -65.43 -9.55
C SER B 123 -11.36 -64.82 -10.73
N GLU B 124 -11.71 -63.58 -11.10
CA GLU B 124 -11.06 -62.92 -12.23
C GLU B 124 -9.58 -62.64 -11.92
N GLN B 125 -9.32 -61.98 -10.79
CA GLN B 125 -7.93 -61.77 -10.38
C GLN B 125 -7.21 -63.10 -10.18
N LEU B 126 -7.94 -64.12 -9.77
CA LEU B 126 -7.35 -65.45 -9.60
C LEU B 126 -6.77 -66.03 -10.89
N THR B 127 -6.82 -65.27 -11.98
CA THR B 127 -6.16 -65.67 -13.20
C THR B 127 -4.91 -64.85 -13.49
N SER B 128 -4.79 -63.66 -12.91
CA SER B 128 -3.60 -62.83 -13.05
C SER B 128 -2.47 -63.43 -12.20
N GLY B 129 -1.44 -62.63 -11.94
CA GLY B 129 -0.27 -63.13 -11.25
C GLY B 129 -0.55 -63.60 -9.83
N GLY B 130 -1.48 -62.95 -9.13
CA GLY B 130 -1.74 -63.31 -7.75
C GLY B 130 -3.15 -63.06 -7.27
N ALA B 131 -3.28 -62.85 -5.96
CA ALA B 131 -4.59 -62.74 -5.32
C ALA B 131 -4.49 -61.79 -4.14
N SER B 132 -5.57 -61.04 -3.89
CA SER B 132 -5.59 -60.06 -2.82
C SER B 132 -6.86 -60.20 -2.00
N VAL B 133 -6.72 -60.03 -0.68
CA VAL B 133 -7.83 -60.10 0.26
C VAL B 133 -8.19 -58.68 0.67
N VAL B 134 -9.48 -58.36 0.63
CA VAL B 134 -9.97 -57.02 0.92
C VAL B 134 -10.88 -57.07 2.14
N CYS B 135 -10.46 -56.44 3.22
CA CYS B 135 -11.26 -56.29 4.42
C CYS B 135 -11.86 -54.88 4.48
N PHE B 136 -13.06 -54.79 5.05
CA PHE B 136 -13.76 -53.53 5.19
C PHE B 136 -14.11 -53.28 6.65
N LEU B 137 -13.81 -52.08 7.13
CA LEU B 137 -14.14 -51.65 8.49
C LEU B 137 -14.94 -50.36 8.36
N ASN B 138 -16.26 -50.49 8.23
CA ASN B 138 -17.12 -49.38 7.85
C ASN B 138 -17.90 -48.84 9.04
N ASN B 139 -18.23 -47.55 8.95
CA ASN B 139 -19.14 -46.89 9.88
C ASN B 139 -18.71 -47.05 11.33
N PHE B 140 -17.74 -46.26 11.76
CA PHE B 140 -17.17 -46.36 13.10
C PHE B 140 -16.50 -45.05 13.46
N TYR B 141 -16.25 -44.86 14.76
CA TYR B 141 -15.69 -43.62 15.28
C TYR B 141 -14.99 -43.95 16.59
N PRO B 142 -13.80 -43.37 16.84
CA PRO B 142 -13.06 -42.40 16.02
C PRO B 142 -12.31 -43.01 14.84
N LYS B 143 -11.42 -42.21 14.24
CA LYS B 143 -10.81 -42.56 12.96
C LYS B 143 -9.72 -43.61 13.11
N ASP B 144 -8.95 -43.56 14.19
CA ASP B 144 -7.83 -44.48 14.34
C ASP B 144 -8.32 -45.90 14.61
N ILE B 145 -7.64 -46.88 13.99
CA ILE B 145 -7.98 -48.29 14.14
C ILE B 145 -6.79 -49.11 13.63
N ASN B 146 -6.62 -50.31 14.16
CA ASN B 146 -5.45 -51.13 13.86
C ASN B 146 -5.92 -52.49 13.34
N VAL B 147 -5.51 -52.82 12.12
CA VAL B 147 -5.83 -54.13 11.55
C VAL B 147 -4.72 -55.11 11.87
N LYS B 148 -5.07 -56.39 11.86
CA LYS B 148 -4.11 -57.48 11.95
C LYS B 148 -4.49 -58.54 10.93
N TRP B 149 -3.59 -58.84 10.01
CA TRP B 149 -3.78 -59.91 9.04
C TRP B 149 -3.10 -61.16 9.55
N LYS B 150 -3.82 -62.28 9.52
CA LYS B 150 -3.27 -63.58 9.85
C LYS B 150 -3.70 -64.59 8.80
N ILE B 151 -2.82 -65.56 8.54
CA ILE B 151 -3.09 -66.61 7.57
C ILE B 151 -3.24 -67.98 8.22
N ASP B 152 -2.54 -68.24 9.32
CA ASP B 152 -2.71 -69.49 10.06
C ASP B 152 -2.44 -69.19 11.53
N GLY B 153 -3.13 -68.20 12.08
CA GLY B 153 -2.75 -67.64 13.36
C GLY B 153 -1.45 -66.88 13.35
N SER B 154 -0.75 -66.83 12.21
CA SER B 154 0.52 -66.16 12.07
C SER B 154 0.30 -64.76 11.50
N GLU B 155 0.87 -63.76 12.18
CA GLU B 155 0.72 -62.36 11.80
C GLU B 155 1.49 -62.11 10.51
N ARG B 156 0.77 -62.02 9.39
CA ARG B 156 1.36 -61.55 8.14
C ARG B 156 1.42 -60.03 8.17
N GLN B 157 2.60 -59.47 7.91
CA GLN B 157 2.84 -58.05 8.13
C GLN B 157 3.05 -57.24 6.86
N ASN B 158 3.82 -57.75 5.89
CA ASN B 158 4.09 -56.97 4.68
C ASN B 158 3.04 -57.24 3.60
N GLY B 159 2.90 -56.27 2.70
CA GLY B 159 2.03 -56.42 1.55
C GLY B 159 0.61 -55.97 1.74
N VAL B 160 0.37 -54.93 2.55
CA VAL B 160 -0.98 -54.49 2.88
C VAL B 160 -1.15 -53.04 2.45
N LEU B 161 -2.32 -52.73 1.89
CA LEU B 161 -2.69 -51.36 1.54
C LEU B 161 -3.87 -50.94 2.40
N ASN B 162 -3.73 -49.80 3.07
CA ASN B 162 -4.77 -49.26 3.93
C ASN B 162 -5.21 -47.90 3.40
N SER B 163 -6.52 -47.64 3.48
CA SER B 163 -7.05 -46.34 3.07
C SER B 163 -8.27 -46.02 3.92
N TRP B 164 -8.24 -44.87 4.59
CA TRP B 164 -9.36 -44.37 5.36
C TRP B 164 -10.22 -43.45 4.49
N THR B 165 -11.48 -43.32 4.87
CA THR B 165 -12.35 -42.32 4.26
C THR B 165 -12.36 -41.05 5.10
N ASP B 166 -12.73 -39.95 4.47
CA ASP B 166 -12.95 -38.72 5.21
C ASP B 166 -14.23 -38.84 6.04
N GLN B 167 -14.36 -37.97 7.03
CA GLN B 167 -15.52 -37.99 7.90
C GLN B 167 -16.80 -37.86 7.08
N ASP B 168 -17.73 -38.78 7.29
CA ASP B 168 -18.98 -38.76 6.53
C ASP B 168 -19.80 -37.54 6.92
N SER B 169 -20.57 -37.04 5.94
CA SER B 169 -21.29 -35.79 6.14
C SER B 169 -22.53 -35.94 7.00
N LYS B 170 -23.19 -37.10 6.95
CA LYS B 170 -24.46 -37.29 7.65
C LYS B 170 -24.31 -37.96 9.01
N ASP B 171 -23.47 -38.98 9.13
CA ASP B 171 -23.27 -39.69 10.39
C ASP B 171 -21.87 -39.53 10.96
N SER B 172 -21.14 -38.49 10.52
CA SER B 172 -19.85 -38.09 11.07
C SER B 172 -18.93 -39.24 11.42
N THR B 173 -18.99 -40.31 10.64
CA THR B 173 -18.22 -41.51 10.90
C THR B 173 -17.14 -41.69 9.84
N TYR B 174 -16.31 -42.70 10.04
CA TYR B 174 -15.22 -43.03 9.12
C TYR B 174 -15.39 -44.46 8.62
N SER B 175 -14.46 -44.90 7.77
CA SER B 175 -14.45 -46.24 7.22
C SER B 175 -13.06 -46.51 6.66
N MET B 176 -12.70 -47.78 6.56
CA MET B 176 -11.35 -48.14 6.18
C MET B 176 -11.37 -49.43 5.36
N SER B 177 -10.37 -49.56 4.47
CA SER B 177 -10.28 -50.69 3.55
C SER B 177 -8.85 -51.21 3.56
N SER B 178 -8.61 -52.32 4.25
CA SER B 178 -7.31 -52.97 4.25
C SER B 178 -7.28 -54.06 3.20
N THR B 179 -6.20 -54.10 2.42
CA THR B 179 -6.11 -54.96 1.24
C THR B 179 -4.77 -55.69 1.23
N LEU B 180 -4.74 -56.87 1.85
CA LEU B 180 -3.57 -57.72 1.77
C LEU B 180 -3.47 -58.34 0.37
N THR B 181 -2.27 -58.30 -0.20
CA THR B 181 -2.04 -58.79 -1.56
C THR B 181 -0.86 -59.74 -1.57
N LEU B 182 -1.08 -60.98 -1.99
CA LEU B 182 -0.04 -61.97 -2.19
C LEU B 182 -0.05 -62.43 -3.65
N THR B 183 0.83 -63.37 -3.96
CA THR B 183 0.78 -64.08 -5.23
C THR B 183 -0.07 -65.34 -5.08
N LYS B 184 -0.38 -66.00 -6.18
CA LYS B 184 -1.11 -67.26 -6.12
C LYS B 184 -0.32 -68.33 -5.38
N ASP B 185 0.96 -68.44 -5.73
CA ASP B 185 1.81 -69.45 -5.10
C ASP B 185 1.87 -69.24 -3.60
N GLU B 186 1.81 -67.98 -3.14
CA GLU B 186 1.70 -67.70 -1.72
C GLU B 186 0.27 -67.89 -1.21
N TYR B 187 -0.73 -67.63 -2.05
CA TYR B 187 -2.11 -67.75 -1.62
C TYR B 187 -2.53 -69.21 -1.46
N GLU B 188 -2.31 -70.02 -2.49
CA GLU B 188 -2.91 -71.36 -2.54
C GLU B 188 -2.15 -72.37 -1.72
N ARG B 189 -1.60 -71.94 -0.59
CA ARG B 189 -0.93 -72.84 0.35
C ARG B 189 -1.58 -72.87 1.72
N HIS B 190 -2.04 -71.73 2.23
CA HIS B 190 -2.67 -71.62 3.53
C HIS B 190 -4.17 -71.44 3.37
N ASN B 191 -4.93 -71.87 4.38
CA ASN B 191 -6.40 -71.87 4.30
C ASN B 191 -7.03 -70.70 5.04
N SER B 192 -6.84 -70.63 6.36
CA SER B 192 -7.46 -69.56 7.14
C SER B 192 -6.98 -68.20 6.64
N TYR B 193 -7.85 -67.20 6.79
CA TYR B 193 -7.53 -65.85 6.35
C TYR B 193 -8.23 -64.89 7.31
N THR B 194 -7.45 -64.30 8.21
CA THR B 194 -7.97 -63.61 9.38
C THR B 194 -7.76 -62.10 9.23
N CYS B 195 -8.85 -61.36 9.17
CA CYS B 195 -8.82 -59.90 9.27
C CYS B 195 -9.28 -59.56 10.68
N GLU B 196 -8.32 -59.29 11.57
CA GLU B 196 -8.59 -59.05 12.99
C GLU B 196 -8.45 -57.56 13.26
N ALA B 197 -9.58 -56.90 13.53
CA ALA B 197 -9.62 -55.45 13.67
C ALA B 197 -9.70 -55.06 15.14
N THR B 198 -8.70 -54.31 15.61
CA THR B 198 -8.65 -53.81 16.98
C THR B 198 -9.03 -52.34 16.97
N HIS B 199 -10.04 -51.99 17.76
CA HIS B 199 -10.52 -50.62 17.83
C HIS B 199 -10.70 -50.23 19.29
N LYS B 200 -10.79 -48.92 19.53
CA LYS B 200 -10.94 -48.41 20.89
C LYS B 200 -12.23 -48.91 21.55
N THR B 201 -13.26 -49.19 20.74
CA THR B 201 -14.57 -49.54 21.29
C THR B 201 -14.53 -50.88 22.02
N SER B 202 -14.06 -51.93 21.34
CA SER B 202 -14.12 -53.28 21.88
C SER B 202 -12.89 -53.57 22.76
N THR B 203 -13.09 -54.46 23.73
CA THR B 203 -11.96 -54.96 24.52
C THR B 203 -11.10 -55.89 23.68
N SER B 204 -11.69 -57.01 23.22
CA SER B 204 -11.11 -57.98 22.30
C SER B 204 -11.40 -57.56 20.86
N PRO B 205 -10.47 -57.84 19.95
CA PRO B 205 -10.62 -57.34 18.57
C PRO B 205 -11.75 -58.03 17.83
N ILE B 206 -12.52 -57.24 17.07
CA ILE B 206 -13.49 -57.81 16.16
C ILE B 206 -12.75 -58.59 15.08
N VAL B 207 -13.12 -59.85 14.89
CA VAL B 207 -12.49 -60.72 13.91
C VAL B 207 -13.52 -61.08 12.85
N LYS B 208 -13.09 -61.04 11.59
CA LYS B 208 -13.83 -61.59 10.47
C LYS B 208 -12.86 -62.42 9.64
N SER B 209 -12.98 -63.74 9.73
CA SER B 209 -12.12 -64.67 9.03
C SER B 209 -12.97 -65.59 8.16
N PHE B 210 -12.29 -66.39 7.34
CA PHE B 210 -12.97 -67.33 6.47
C PHE B 210 -12.00 -68.42 6.04
N ASN B 211 -12.53 -69.61 5.86
CA ASN B 211 -11.79 -70.73 5.30
C ASN B 211 -11.93 -70.71 3.78
N ARG B 212 -10.86 -71.11 3.09
CA ARG B 212 -10.81 -70.97 1.65
C ARG B 212 -11.80 -71.88 0.92
N ASN B 213 -12.27 -72.95 1.57
CA ASN B 213 -13.12 -73.94 0.94
C ASN B 213 -14.43 -74.07 1.73
N GLU B 214 -15.50 -73.50 1.19
CA GLU B 214 -16.84 -73.64 1.76
C GLU B 214 -17.89 -73.05 0.83
N GLU C 1 -20.52 -11.85 -9.40
CA GLU C 1 -20.48 -12.38 -10.76
C GLU C 1 -19.04 -12.62 -11.21
N VAL C 2 -18.10 -12.39 -10.29
CA VAL C 2 -16.68 -12.57 -10.60
C VAL C 2 -16.37 -14.06 -10.72
N GLN C 3 -15.58 -14.41 -11.73
CA GLN C 3 -15.22 -15.81 -11.97
C GLN C 3 -13.76 -15.92 -12.41
N LEU C 4 -13.06 -16.88 -11.84
CA LEU C 4 -11.74 -17.32 -12.30
C LEU C 4 -11.84 -18.79 -12.70
N VAL C 5 -11.20 -19.15 -13.80
CA VAL C 5 -11.25 -20.52 -14.31
C VAL C 5 -9.87 -20.89 -14.83
N GLU C 6 -9.26 -21.92 -14.24
CA GLU C 6 -7.96 -22.40 -14.67
C GLU C 6 -8.09 -23.48 -15.75
N SER C 7 -6.99 -23.76 -16.41
CA SER C 7 -6.98 -24.65 -17.56
C SER C 7 -5.59 -25.22 -17.74
N GLY C 8 -5.34 -25.84 -18.89
CA GLY C 8 -4.12 -26.61 -19.04
C GLY C 8 -4.12 -27.78 -18.08
N GLY C 9 -2.95 -28.08 -17.54
CA GLY C 9 -2.87 -29.06 -16.46
C GLY C 9 -3.03 -30.50 -16.89
N GLY C 10 -2.08 -31.34 -16.49
CA GLY C 10 -2.13 -32.73 -16.84
C GLY C 10 -0.83 -33.42 -16.45
N LEU C 11 -0.68 -34.64 -16.94
CA LEU C 11 0.50 -35.43 -16.65
C LEU C 11 1.69 -34.92 -17.44
N VAL C 12 2.84 -34.82 -16.77
CA VAL C 12 4.09 -34.34 -17.36
C VAL C 12 5.22 -35.17 -16.77
N LYS C 13 6.23 -35.46 -17.58
CA LYS C 13 7.40 -36.16 -17.06
C LYS C 13 8.36 -35.18 -16.39
N PRO C 14 9.15 -35.65 -15.42
CA PRO C 14 10.14 -34.77 -14.81
C PRO C 14 11.05 -34.14 -15.86
N GLY C 15 11.40 -32.87 -15.62
CA GLY C 15 12.06 -32.07 -16.62
C GLY C 15 11.15 -31.54 -17.71
N GLY C 16 9.88 -31.95 -17.74
CA GLY C 16 8.96 -31.52 -18.76
C GLY C 16 8.59 -30.05 -18.61
N SER C 17 7.62 -29.65 -19.44
CA SER C 17 7.23 -28.24 -19.51
C SER C 17 5.75 -28.16 -19.86
N LEU C 18 5.06 -27.18 -19.27
CA LEU C 18 3.64 -27.03 -19.48
C LEU C 18 3.21 -25.61 -19.09
N LYS C 19 2.13 -25.14 -19.72
CA LYS C 19 1.62 -23.78 -19.55
C LYS C 19 0.17 -23.83 -19.07
N LEU C 20 -0.09 -23.30 -17.88
CA LEU C 20 -1.44 -23.21 -17.34
C LEU C 20 -1.97 -21.79 -17.53
N SER C 21 -3.28 -21.70 -17.75
CA SER C 21 -3.92 -20.43 -18.03
C SER C 21 -5.20 -20.31 -17.22
N CYS C 22 -5.52 -19.05 -16.87
CA CYS C 22 -6.68 -18.71 -16.05
C CYS C 22 -7.48 -17.64 -16.77
N ALA C 23 -8.77 -17.90 -17.00
CA ALA C 23 -9.66 -16.94 -17.62
C ALA C 23 -10.47 -16.22 -16.54
N ALA C 24 -10.58 -14.90 -16.67
CA ALA C 24 -11.23 -14.05 -15.67
C ALA C 24 -12.38 -13.27 -16.29
N SER C 25 -13.55 -13.37 -15.68
CA SER C 25 -14.72 -12.59 -16.08
C SER C 25 -15.47 -12.17 -14.83
N GLY C 26 -16.39 -11.22 -15.00
CA GLY C 26 -17.14 -10.67 -13.90
C GLY C 26 -16.53 -9.45 -13.26
N PHE C 27 -15.35 -9.02 -13.70
CA PHE C 27 -14.69 -7.84 -13.18
C PHE C 27 -13.71 -7.34 -14.24
N THR C 28 -13.22 -6.13 -14.05
CA THR C 28 -12.21 -5.58 -14.96
C THR C 28 -10.87 -6.20 -14.60
N PHE C 29 -10.46 -7.21 -15.38
CA PHE C 29 -9.27 -7.98 -15.06
C PHE C 29 -8.01 -7.12 -15.11
N SER C 30 -8.00 -6.09 -15.93
CA SER C 30 -6.82 -5.24 -16.15
C SER C 30 -6.49 -4.35 -14.97
N SER C 31 -7.11 -4.54 -13.80
CA SER C 31 -6.88 -3.65 -12.68
C SER C 31 -6.78 -4.39 -11.35
N TYR C 32 -6.51 -5.69 -11.38
CA TYR C 32 -6.38 -6.51 -10.17
C TYR C 32 -5.17 -7.41 -10.31
N ALA C 33 -4.25 -7.31 -9.36
CA ALA C 33 -3.07 -8.17 -9.38
C ALA C 33 -3.47 -9.62 -9.09
N MET C 34 -2.96 -10.54 -9.90
CA MET C 34 -3.31 -11.95 -9.80
C MET C 34 -2.12 -12.74 -9.28
N SER C 35 -2.41 -13.89 -8.66
CA SER C 35 -1.38 -14.75 -8.11
C SER C 35 -1.72 -16.21 -8.34
N TRP C 36 -0.70 -17.01 -8.60
CA TRP C 36 -0.83 -18.46 -8.68
C TRP C 36 -0.46 -19.07 -7.33
N VAL C 37 -1.39 -19.79 -6.71
CA VAL C 37 -1.13 -20.52 -5.49
C VAL C 37 -1.44 -21.99 -5.75
N ARG C 38 -0.46 -22.85 -5.50
CA ARG C 38 -0.65 -24.28 -5.64
C ARG C 38 -0.77 -24.92 -4.27
N GLN C 39 -1.52 -26.02 -4.20
CA GLN C 39 -1.59 -26.82 -2.98
C GLN C 39 -1.32 -28.28 -3.32
N SER C 40 -0.38 -28.88 -2.61
CA SER C 40 0.11 -30.23 -2.84
C SER C 40 -1.00 -31.25 -2.61
N PRO C 41 -0.84 -32.50 -3.05
CA PRO C 41 -1.87 -33.51 -2.71
C PRO C 41 -1.99 -33.74 -1.22
N GLU C 42 -0.99 -33.36 -0.43
CA GLU C 42 -1.05 -33.40 1.02
C GLU C 42 -1.69 -32.14 1.61
N LYS C 43 -2.36 -31.35 0.77
CA LYS C 43 -3.16 -30.20 1.20
C LYS C 43 -2.31 -29.14 1.88
N ARG C 44 -1.15 -28.83 1.30
CA ARG C 44 -0.28 -27.77 1.80
C ARG C 44 -0.35 -26.61 0.81
N LEU C 45 -0.92 -25.49 1.27
CA LEU C 45 -1.00 -24.30 0.44
C LEU C 45 0.39 -23.70 0.26
N GLU C 46 0.78 -23.46 -0.99
CA GLU C 46 2.10 -22.92 -1.29
C GLU C 46 1.98 -21.89 -2.41
N TRP C 47 2.42 -20.67 -2.13
CA TRP C 47 2.37 -19.61 -3.12
C TRP C 47 3.44 -19.81 -4.19
N VAL C 48 3.10 -19.43 -5.42
CA VAL C 48 4.00 -19.62 -6.56
C VAL C 48 4.48 -18.27 -7.06
N ALA C 49 3.56 -17.46 -7.57
CA ALA C 49 3.93 -16.20 -8.21
C ALA C 49 2.82 -15.18 -8.04
N GLU C 50 3.21 -13.91 -8.01
CA GLU C 50 2.30 -12.78 -8.06
C GLU C 50 2.66 -11.94 -9.29
N ILE C 51 1.65 -11.49 -10.01
CA ILE C 51 1.84 -10.62 -11.15
C ILE C 51 1.02 -9.34 -10.92
N SER C 52 1.61 -8.20 -11.28
CA SER C 52 1.00 -6.91 -11.00
C SER C 52 -0.30 -6.73 -11.79
N SER C 53 -0.99 -5.64 -11.48
CA SER C 53 -2.18 -5.27 -12.25
C SER C 53 -1.84 -4.96 -13.70
N GLY C 54 -0.58 -4.62 -13.98
CA GLY C 54 -0.12 -4.43 -15.34
C GLY C 54 1.14 -5.21 -15.63
N GLY C 55 1.44 -6.20 -14.78
CA GLY C 55 2.56 -7.09 -15.00
C GLY C 55 3.92 -6.44 -14.94
N ARG C 56 4.04 -5.31 -14.24
CA ARG C 56 5.31 -4.59 -14.20
C ARG C 56 6.18 -4.94 -13.01
N TYR C 57 5.59 -5.47 -11.93
CA TYR C 57 6.31 -6.03 -10.81
C TYR C 57 5.90 -7.48 -10.66
N ILE C 58 6.87 -8.38 -10.56
CA ILE C 58 6.58 -9.81 -10.52
C ILE C 58 7.48 -10.47 -9.47
N TYR C 59 6.86 -11.20 -8.54
CA TYR C 59 7.56 -11.87 -7.46
C TYR C 59 7.39 -13.37 -7.63
N TYR C 60 8.48 -14.12 -7.50
CA TYR C 60 8.45 -15.56 -7.68
C TYR C 60 8.77 -16.27 -6.37
N SER C 61 8.32 -17.52 -6.28
CA SER C 61 8.69 -18.37 -5.16
C SER C 61 10.12 -18.86 -5.34
N ASP C 62 10.86 -18.94 -4.22
CA ASP C 62 12.25 -19.40 -4.27
C ASP C 62 12.38 -20.79 -4.86
N THR C 63 11.30 -21.56 -4.90
CA THR C 63 11.32 -22.94 -5.37
C THR C 63 10.81 -23.08 -6.80
N VAL C 64 10.51 -21.97 -7.48
CA VAL C 64 10.07 -22.03 -8.87
C VAL C 64 10.82 -20.99 -9.68
N THR C 65 11.54 -20.10 -8.99
CA THR C 65 12.19 -18.99 -9.65
C THR C 65 13.16 -19.47 -10.73
N GLY C 66 12.99 -18.93 -11.94
CA GLY C 66 13.77 -19.37 -13.09
C GLY C 66 13.11 -20.49 -13.87
N ARG C 67 12.58 -21.49 -13.16
CA ARG C 67 11.86 -22.57 -13.83
C ARG C 67 10.44 -22.16 -14.23
N PHE C 68 9.80 -21.29 -13.45
CA PHE C 68 8.43 -20.88 -13.70
C PHE C 68 8.40 -19.45 -14.24
N THR C 69 7.40 -19.16 -15.06
CA THR C 69 7.27 -17.86 -15.70
C THR C 69 5.79 -17.47 -15.70
N ILE C 70 5.44 -16.46 -14.90
CA ILE C 70 4.07 -15.95 -14.83
C ILE C 70 3.92 -14.84 -15.86
N SER C 71 2.71 -14.70 -16.40
CA SER C 71 2.44 -13.73 -17.46
C SER C 71 0.94 -13.48 -17.53
N ARG C 72 0.59 -12.33 -18.08
CA ARG C 72 -0.80 -11.97 -18.27
C ARG C 72 -0.94 -11.09 -19.50
N ASP C 73 -2.14 -11.11 -20.08
CA ASP C 73 -2.54 -10.15 -21.10
C ASP C 73 -3.99 -9.77 -20.83
N ASN C 74 -4.25 -8.46 -20.80
CA ASN C 74 -5.50 -7.97 -20.24
C ASN C 74 -6.58 -7.73 -21.28
N ALA C 75 -6.21 -7.56 -22.56
CA ALA C 75 -7.21 -7.50 -23.61
C ALA C 75 -7.96 -8.82 -23.72
N ARG C 76 -7.25 -9.93 -23.52
CA ARG C 76 -7.82 -11.26 -23.58
C ARG C 76 -8.38 -11.74 -22.24
N ASN C 77 -8.03 -11.05 -21.14
CA ASN C 77 -8.49 -11.43 -19.79
C ASN C 77 -8.00 -12.82 -19.41
N ILE C 78 -6.73 -13.11 -19.72
CA ILE C 78 -6.13 -14.41 -19.43
C ILE C 78 -4.85 -14.18 -18.62
N LEU C 79 -4.61 -15.06 -17.65
CA LEU C 79 -3.39 -15.05 -16.85
C LEU C 79 -2.70 -16.40 -17.01
N HIS C 80 -1.41 -16.36 -17.34
CA HIS C 80 -0.70 -17.57 -17.72
C HIS C 80 0.40 -17.90 -16.72
N LEU C 81 0.79 -19.18 -16.72
CA LEU C 81 1.92 -19.66 -15.92
C LEU C 81 2.58 -20.79 -16.71
N GLU C 82 3.69 -20.50 -17.36
CA GLU C 82 4.45 -21.51 -18.10
C GLU C 82 5.46 -22.17 -17.16
N MET C 83 5.51 -23.49 -17.19
CA MET C 83 6.45 -24.26 -16.39
C MET C 83 7.48 -24.93 -17.30
N SER C 84 8.70 -25.05 -16.78
CA SER C 84 9.79 -25.70 -17.47
C SER C 84 10.69 -26.32 -16.41
N SER C 85 11.58 -27.21 -16.86
CA SER C 85 12.47 -27.93 -15.95
C SER C 85 11.67 -28.55 -14.81
N LEU C 86 10.50 -29.07 -15.15
CA LEU C 86 9.53 -29.48 -14.15
C LEU C 86 10.06 -30.62 -13.30
N ARG C 87 10.07 -30.41 -11.99
CA ARG C 87 10.40 -31.44 -11.01
C ARG C 87 9.13 -32.06 -10.47
N SER C 88 9.28 -33.21 -9.81
CA SER C 88 8.12 -33.98 -9.35
C SER C 88 7.34 -33.22 -8.29
N GLU C 89 8.04 -32.57 -7.35
CA GLU C 89 7.39 -31.86 -6.25
C GLU C 89 6.57 -30.66 -6.70
N ASP C 90 6.60 -30.30 -7.99
CA ASP C 90 5.72 -29.28 -8.52
C ASP C 90 4.30 -29.78 -8.71
N THR C 91 4.05 -31.06 -8.45
CA THR C 91 2.70 -31.61 -8.53
C THR C 91 1.81 -30.98 -7.47
N ALA C 92 0.68 -30.44 -7.90
CA ALA C 92 -0.26 -29.77 -7.01
C ALA C 92 -1.53 -29.46 -7.81
N MET C 93 -2.53 -28.92 -7.11
CA MET C 93 -3.63 -28.24 -7.78
C MET C 93 -3.31 -26.75 -7.79
N TYR C 94 -3.32 -26.17 -8.99
CA TYR C 94 -2.86 -24.80 -9.17
C TYR C 94 -4.05 -23.85 -9.18
N TYR C 95 -4.07 -22.92 -8.24
CA TYR C 95 -5.17 -21.97 -8.09
C TYR C 95 -4.75 -20.62 -8.64
N CYS C 96 -5.70 -19.97 -9.28
CA CYS C 96 -5.57 -18.61 -9.82
C CYS C 96 -6.37 -17.69 -8.91
N ALA C 97 -5.67 -16.90 -8.10
CA ALA C 97 -6.28 -16.14 -7.01
C ALA C 97 -6.12 -14.65 -7.25
N ARG C 98 -7.24 -13.93 -7.23
CA ARG C 98 -7.22 -12.48 -7.37
C ARG C 98 -6.88 -11.83 -6.03
N GLY C 99 -5.80 -11.07 -5.99
CA GLY C 99 -5.39 -10.40 -4.77
C GLY C 99 -4.73 -9.05 -4.99
N GLU C 100 -5.54 -8.01 -5.22
CA GLU C 100 -5.00 -6.69 -5.53
C GLU C 100 -4.43 -6.01 -4.28
N VAL C 101 -5.24 -5.88 -3.24
CA VAL C 101 -4.84 -5.20 -2.01
C VAL C 101 -4.13 -6.20 -1.11
N ARG C 102 -2.87 -5.88 -0.75
CA ARG C 102 -2.13 -6.75 0.16
C ARG C 102 -2.82 -6.87 1.51
N GLN C 103 -3.37 -5.76 2.00
CA GLN C 103 -4.01 -5.75 3.31
C GLN C 103 -5.36 -6.46 3.34
N ARG C 104 -5.82 -7.00 2.20
CA ARG C 104 -7.10 -7.71 2.16
C ARG C 104 -7.00 -9.13 1.61
N GLY C 105 -5.83 -9.56 1.15
CA GLY C 105 -5.66 -10.92 0.70
C GLY C 105 -6.29 -11.22 -0.64
N PHE C 106 -6.45 -12.51 -0.91
CA PHE C 106 -6.96 -12.99 -2.19
C PHE C 106 -8.48 -13.05 -2.13
N ASP C 107 -9.14 -12.11 -2.83
CA ASP C 107 -10.60 -12.04 -2.85
C ASP C 107 -11.19 -13.36 -3.36
N TYR C 108 -11.04 -13.61 -4.66
CA TYR C 108 -11.69 -14.72 -5.33
C TYR C 108 -10.65 -15.73 -5.78
N TRP C 109 -11.01 -17.00 -5.73
CA TRP C 109 -10.16 -18.11 -6.15
C TRP C 109 -10.87 -18.89 -7.25
N GLY C 110 -10.10 -19.32 -8.24
CA GLY C 110 -10.64 -20.19 -9.27
C GLY C 110 -10.86 -21.60 -8.73
N GLN C 111 -11.47 -22.44 -9.56
CA GLN C 111 -11.76 -23.80 -9.15
C GLN C 111 -10.53 -24.69 -9.15
N GLY C 112 -9.45 -24.29 -9.82
CA GLY C 112 -8.22 -25.04 -9.76
C GLY C 112 -8.10 -26.14 -10.81
N THR C 113 -6.89 -26.32 -11.34
CA THR C 113 -6.61 -27.38 -12.30
C THR C 113 -5.39 -28.17 -11.83
N THR C 114 -5.43 -29.48 -12.08
CA THR C 114 -4.48 -30.41 -11.49
C THR C 114 -3.34 -30.73 -12.46
N LEU C 115 -2.12 -30.77 -11.91
CA LEU C 115 -0.91 -31.11 -12.66
C LEU C 115 -0.12 -32.19 -11.93
N THR C 116 0.32 -33.19 -12.68
CA THR C 116 1.11 -34.29 -12.16
C THR C 116 2.44 -34.34 -12.91
N VAL C 117 3.54 -34.41 -12.15
CA VAL C 117 4.88 -34.60 -12.68
C VAL C 117 5.36 -35.96 -12.20
N SER C 118 5.30 -36.95 -13.08
CA SER C 118 5.74 -38.29 -12.74
C SER C 118 6.32 -38.98 -13.97
N SER C 119 7.36 -39.77 -13.74
CA SER C 119 7.87 -40.68 -14.77
C SER C 119 7.03 -41.94 -14.87
N ALA C 120 6.06 -42.12 -13.98
CA ALA C 120 5.24 -43.33 -13.98
C ALA C 120 4.46 -43.46 -15.28
N LYS C 121 4.24 -44.70 -15.68
CA LYS C 121 3.63 -45.01 -16.96
C LYS C 121 2.13 -45.16 -16.82
N THR C 122 1.40 -44.63 -17.80
CA THR C 122 -0.06 -44.64 -17.77
C THR C 122 -0.57 -46.05 -18.02
N THR C 123 -1.10 -46.68 -16.96
CA THR C 123 -1.69 -48.01 -17.06
C THR C 123 -3.15 -47.97 -16.65
N ALA C 124 -3.95 -48.89 -17.24
CA ALA C 124 -5.38 -49.05 -16.98
C ALA C 124 -5.62 -49.99 -15.81
N PRO C 125 -6.71 -49.80 -15.08
CA PRO C 125 -6.96 -50.64 -13.90
C PRO C 125 -7.35 -52.07 -14.27
N SER C 126 -7.16 -52.95 -13.30
CA SER C 126 -7.75 -54.28 -13.32
C SER C 126 -8.89 -54.28 -12.31
N VAL C 127 -10.12 -54.42 -12.81
CA VAL C 127 -11.32 -54.29 -11.99
C VAL C 127 -11.77 -55.67 -11.53
N TYR C 128 -11.92 -55.83 -10.22
CA TYR C 128 -12.34 -57.11 -9.65
C TYR C 128 -13.59 -56.93 -8.79
N PRO C 129 -14.54 -57.86 -8.87
CA PRO C 129 -15.72 -57.79 -7.99
C PRO C 129 -15.54 -58.60 -6.71
N LEU C 130 -16.06 -58.10 -5.60
CA LEU C 130 -15.87 -58.73 -4.30
C LEU C 130 -17.18 -59.40 -3.86
N ALA C 131 -17.26 -60.71 -4.06
CA ALA C 131 -18.38 -61.50 -3.58
C ALA C 131 -18.06 -62.05 -2.20
N PRO C 132 -18.94 -61.86 -1.21
CA PRO C 132 -18.66 -62.35 0.13
C PRO C 132 -18.54 -63.87 0.15
N VAL C 133 -17.89 -64.38 1.19
CA VAL C 133 -17.76 -65.83 1.33
C VAL C 133 -19.15 -66.43 1.58
N CYS C 134 -19.27 -67.73 1.28
CA CYS C 134 -20.56 -68.42 1.35
C CYS C 134 -20.99 -68.77 2.76
N GLY C 135 -20.24 -68.35 3.78
CA GLY C 135 -20.54 -68.69 5.16
C GLY C 135 -21.26 -67.58 5.90
N ASP C 136 -22.14 -68.00 6.83
CA ASP C 136 -22.89 -67.10 7.72
C ASP C 136 -23.78 -66.14 6.95
N THR C 137 -24.22 -66.54 5.75
CA THR C 137 -25.06 -65.71 4.87
C THR C 137 -26.44 -65.56 5.52
N THR C 138 -26.54 -64.61 6.46
CA THR C 138 -27.74 -64.52 7.28
C THR C 138 -28.14 -63.10 7.67
N GLY C 139 -27.18 -62.18 7.72
CA GLY C 139 -27.41 -60.83 8.23
C GLY C 139 -28.58 -60.07 7.63
N SER C 140 -29.07 -59.06 8.33
CA SER C 140 -30.19 -58.25 7.84
C SER C 140 -29.86 -57.63 6.49
N SER C 141 -28.71 -56.98 6.40
CA SER C 141 -28.12 -56.55 5.14
C SER C 141 -26.82 -57.31 4.90
N VAL C 142 -26.44 -57.39 3.64
CA VAL C 142 -25.13 -57.91 3.28
C VAL C 142 -24.39 -56.83 2.51
N THR C 143 -23.07 -56.79 2.69
CA THR C 143 -22.24 -55.81 2.02
C THR C 143 -21.28 -56.51 1.07
N LEU C 144 -20.90 -55.80 0.01
CA LEU C 144 -20.10 -56.36 -1.06
C LEU C 144 -19.31 -55.24 -1.71
N GLY C 145 -18.13 -55.57 -2.23
CA GLY C 145 -17.24 -54.54 -2.71
C GLY C 145 -16.76 -54.63 -4.14
N CYS C 146 -15.81 -53.77 -4.49
CA CYS C 146 -15.26 -53.71 -5.83
C CYS C 146 -13.85 -53.16 -5.76
N LEU C 147 -12.87 -53.97 -6.14
CA LEU C 147 -11.46 -53.59 -6.02
C LEU C 147 -10.92 -53.17 -7.38
N VAL C 148 -10.53 -51.90 -7.48
CA VAL C 148 -9.95 -51.33 -8.70
C VAL C 148 -8.45 -51.25 -8.46
N LYS C 149 -7.71 -52.22 -8.99
CA LYS C 149 -6.30 -52.38 -8.67
C LYS C 149 -5.41 -52.04 -9.87
N GLY C 150 -4.32 -51.32 -9.59
CA GLY C 150 -3.22 -51.15 -10.53
C GLY C 150 -3.48 -50.25 -11.72
N TYR C 151 -3.70 -48.95 -11.47
CA TYR C 151 -3.92 -47.99 -12.54
C TYR C 151 -3.12 -46.73 -12.28
N PHE C 152 -2.96 -45.92 -13.35
CA PHE C 152 -2.24 -44.66 -13.29
C PHE C 152 -2.59 -43.87 -14.54
N PRO C 153 -2.81 -42.55 -14.43
CA PRO C 153 -2.82 -41.85 -13.14
C PRO C 153 -4.22 -41.69 -12.59
N GLU C 154 -4.37 -40.83 -11.58
CA GLU C 154 -5.69 -40.42 -11.17
C GLU C 154 -6.31 -39.55 -12.25
N PRO C 155 -7.65 -39.49 -12.32
CA PRO C 155 -8.61 -40.12 -11.42
C PRO C 155 -9.24 -41.41 -11.96
N VAL C 156 -10.28 -41.85 -11.27
CA VAL C 156 -11.12 -42.96 -11.70
C VAL C 156 -12.51 -42.73 -11.14
N THR C 157 -13.52 -43.11 -11.91
CA THR C 157 -14.92 -42.88 -11.56
C THR C 157 -15.57 -44.21 -11.21
N LEU C 158 -16.05 -44.32 -9.97
CA LEU C 158 -16.72 -45.54 -9.50
C LEU C 158 -18.14 -45.20 -9.09
N THR C 159 -19.10 -45.88 -9.69
CA THR C 159 -20.49 -45.82 -9.27
C THR C 159 -21.04 -47.24 -9.22
N TRP C 160 -22.10 -47.43 -8.44
CA TRP C 160 -22.76 -48.72 -8.30
C TRP C 160 -24.09 -48.68 -9.02
N ASN C 161 -24.29 -49.61 -9.95
CA ASN C 161 -25.49 -49.67 -10.78
C ASN C 161 -25.72 -48.36 -11.52
N SER C 162 -24.70 -47.95 -12.27
CA SER C 162 -24.73 -46.77 -13.13
C SER C 162 -25.05 -45.48 -12.35
N GLY C 163 -24.84 -45.49 -11.03
CA GLY C 163 -25.17 -44.36 -10.21
C GLY C 163 -26.58 -44.36 -9.66
N SER C 164 -27.24 -45.51 -9.63
CA SER C 164 -28.59 -45.60 -9.09
C SER C 164 -28.57 -45.47 -7.57
N LEU C 165 -28.14 -46.53 -6.90
CA LEU C 165 -28.04 -46.50 -5.44
C LEU C 165 -26.77 -45.80 -5.00
N SER C 166 -26.85 -45.12 -3.86
CA SER C 166 -25.72 -44.39 -3.31
C SER C 166 -25.76 -44.45 -1.79
N SER C 167 -26.86 -44.92 -1.24
CA SER C 167 -26.96 -45.12 0.20
C SER C 167 -26.07 -46.29 0.61
N GLY C 168 -25.42 -46.15 1.76
CA GLY C 168 -24.59 -47.22 2.27
C GLY C 168 -23.43 -47.60 1.36
N VAL C 169 -22.96 -46.66 0.55
CA VAL C 169 -21.79 -46.88 -0.29
C VAL C 169 -20.60 -46.20 0.37
N HIS C 170 -19.42 -46.78 0.16
CA HIS C 170 -18.17 -46.25 0.73
C HIS C 170 -17.06 -46.47 -0.31
N THR C 171 -16.91 -45.51 -1.22
CA THR C 171 -15.80 -45.52 -2.16
C THR C 171 -14.59 -44.86 -1.48
N PHE C 172 -13.51 -45.62 -1.34
CA PHE C 172 -12.29 -45.20 -0.66
C PHE C 172 -11.39 -44.43 -1.61
N PRO C 173 -10.55 -43.54 -1.07
CA PRO C 173 -9.58 -42.85 -1.94
C PRO C 173 -8.51 -43.79 -2.45
N ALA C 174 -7.89 -43.39 -3.55
CA ALA C 174 -6.81 -44.17 -4.13
C ALA C 174 -5.55 -44.08 -3.28
N VAL C 175 -4.70 -45.09 -3.41
CA VAL C 175 -3.41 -45.13 -2.72
C VAL C 175 -2.35 -45.59 -3.72
N LEU C 176 -1.27 -44.81 -3.82
CA LEU C 176 -0.18 -45.13 -4.74
C LEU C 176 0.85 -46.03 -4.06
N GLN C 177 1.28 -47.07 -4.76
CA GLN C 177 2.29 -48.00 -4.27
C GLN C 177 3.15 -48.42 -5.45
N SER C 178 4.41 -47.99 -5.46
CA SER C 178 5.37 -48.28 -6.54
C SER C 178 4.77 -47.93 -7.90
N ASP C 179 4.43 -46.66 -8.05
CA ASP C 179 3.95 -46.10 -9.32
C ASP C 179 2.65 -46.75 -9.79
N LEU C 180 1.73 -46.99 -8.86
CA LEU C 180 0.44 -47.59 -9.22
C LEU C 180 -0.57 -47.29 -8.13
N TYR C 181 -1.77 -46.87 -8.53
CA TYR C 181 -2.87 -46.65 -7.62
C TYR C 181 -3.71 -47.90 -7.45
N THR C 182 -4.37 -48.01 -6.30
CA THR C 182 -5.32 -49.08 -6.04
C THR C 182 -6.47 -48.52 -5.23
N LEU C 183 -7.69 -48.74 -5.69
CA LEU C 183 -8.88 -48.18 -5.08
C LEU C 183 -9.89 -49.29 -4.84
N SER C 184 -10.64 -49.15 -3.75
CA SER C 184 -11.68 -50.09 -3.37
C SER C 184 -12.95 -49.33 -3.00
N SER C 185 -14.07 -50.04 -3.05
CA SER C 185 -15.36 -49.49 -2.65
C SER C 185 -16.19 -50.59 -2.03
N SER C 186 -17.19 -50.19 -1.25
CA SER C 186 -18.11 -51.13 -0.63
C SER C 186 -19.53 -50.61 -0.79
N VAL C 187 -20.47 -51.52 -0.96
CA VAL C 187 -21.88 -51.18 -0.96
C VAL C 187 -22.60 -52.15 -0.03
N THR C 188 -23.35 -51.59 0.92
CA THR C 188 -24.14 -52.39 1.84
C THR C 188 -25.61 -52.17 1.52
N VAL C 189 -26.32 -53.25 1.18
CA VAL C 189 -27.74 -53.22 0.89
C VAL C 189 -28.39 -54.43 1.54
N THR C 190 -29.69 -54.32 1.77
CA THR C 190 -30.43 -55.37 2.49
C THR C 190 -30.22 -56.72 1.84
N SER C 191 -30.08 -57.75 2.67
CA SER C 191 -30.00 -59.12 2.17
C SER C 191 -31.25 -59.49 1.39
N SER C 192 -32.36 -58.78 1.62
CA SER C 192 -33.58 -58.88 0.83
C SER C 192 -33.47 -58.15 -0.50
N THR C 193 -32.24 -57.85 -0.95
CA THR C 193 -32.03 -57.21 -2.26
C THR C 193 -30.87 -57.85 -3.00
N TRP C 194 -30.32 -58.96 -2.51
CA TRP C 194 -29.17 -59.61 -3.11
C TRP C 194 -29.00 -61.01 -2.50
N PRO C 195 -28.55 -62.02 -3.27
CA PRO C 195 -28.18 -62.01 -4.69
C PRO C 195 -29.35 -62.25 -5.65
N SER C 196 -30.48 -61.59 -5.40
CA SER C 196 -31.65 -61.70 -6.26
C SER C 196 -31.82 -60.48 -7.15
N GLN C 197 -30.79 -59.66 -7.30
CA GLN C 197 -30.90 -58.40 -8.00
C GLN C 197 -29.61 -58.10 -8.75
N SER C 198 -29.68 -57.13 -9.66
CA SER C 198 -28.55 -56.71 -10.46
C SER C 198 -27.83 -55.59 -9.71
N ILE C 199 -26.69 -55.92 -9.09
CA ILE C 199 -25.81 -54.94 -8.48
C ILE C 199 -24.48 -55.01 -9.23
N THR C 200 -23.96 -53.85 -9.63
CA THR C 200 -22.83 -53.80 -10.53
C THR C 200 -21.86 -52.71 -10.09
N CYS C 201 -20.63 -52.82 -10.56
CA CYS C 201 -19.58 -51.85 -10.30
C CYS C 201 -19.19 -51.18 -11.61
N ASN C 202 -19.18 -49.84 -11.62
CA ASN C 202 -18.89 -49.07 -12.83
C ASN C 202 -17.58 -48.33 -12.62
N VAL C 203 -16.56 -48.70 -13.39
CA VAL C 203 -15.23 -48.10 -13.29
C VAL C 203 -14.95 -47.35 -14.59
N ALA C 204 -14.27 -46.21 -14.47
CA ALA C 204 -14.04 -45.34 -15.62
C ALA C 204 -12.68 -44.70 -15.49
N HIS C 205 -11.74 -45.09 -16.35
CA HIS C 205 -10.42 -44.49 -16.40
C HIS C 205 -10.30 -43.62 -17.65
N PRO C 206 -10.48 -42.30 -17.54
CA PRO C 206 -10.37 -41.46 -18.75
C PRO C 206 -9.00 -41.50 -19.40
N ALA C 207 -7.93 -41.56 -18.60
CA ALA C 207 -6.58 -41.49 -19.15
C ALA C 207 -6.28 -42.64 -20.09
N SER C 208 -6.94 -43.79 -19.90
CA SER C 208 -6.76 -44.93 -20.79
C SER C 208 -8.04 -45.32 -21.51
N SER C 209 -9.06 -44.46 -21.50
CA SER C 209 -10.35 -44.74 -22.14
C SER C 209 -10.90 -46.09 -21.72
N THR C 210 -10.66 -46.46 -20.46
CA THR C 210 -11.09 -47.75 -19.92
C THR C 210 -12.43 -47.56 -19.20
N LYS C 211 -13.49 -48.09 -19.79
CA LYS C 211 -14.82 -48.12 -19.18
C LYS C 211 -15.21 -49.58 -19.00
N VAL C 212 -15.22 -50.04 -17.75
CA VAL C 212 -15.40 -51.45 -17.41
C VAL C 212 -16.50 -51.57 -16.38
N ASP C 213 -17.42 -52.51 -16.59
CA ASP C 213 -18.49 -52.81 -15.66
C ASP C 213 -18.33 -54.23 -15.15
N LYS C 214 -18.91 -54.52 -13.99
CA LYS C 214 -18.77 -55.84 -13.38
C LYS C 214 -19.85 -56.04 -12.33
N LYS C 215 -20.58 -57.14 -12.45
CA LYS C 215 -21.55 -57.58 -11.46
C LYS C 215 -20.90 -58.60 -10.53
N ILE C 216 -21.49 -58.74 -9.34
CA ILE C 216 -20.91 -59.56 -8.27
C ILE C 216 -21.56 -60.94 -8.32
N GLU C 217 -20.77 -61.94 -8.71
CA GLU C 217 -21.24 -63.32 -8.82
C GLU C 217 -21.14 -63.99 -7.46
N PRO C 218 -22.27 -64.28 -6.80
CA PRO C 218 -22.22 -64.79 -5.42
C PRO C 218 -21.59 -66.16 -5.29
N ARG C 219 -21.22 -66.82 -6.38
CA ARG C 219 -20.66 -68.17 -6.33
C ARG C 219 -19.41 -68.22 -5.45
#